data_9LN8
#
_entry.id   9LN8
#
_cell.length_a   66.852
_cell.length_b   79.257
_cell.length_c   175.112
_cell.angle_alpha   90.00
_cell.angle_beta   90.00
_cell.angle_gamma   90.00
#
_symmetry.space_group_name_H-M   'P 21 21 21'
#
loop_
_entity.id
_entity.type
_entity.pdbx_description
1 polymer 'Nucleosome assembly protein 1-like 1'
2 polymer H2A.Z-H2B
#
loop_
_entity_poly.entity_id
_entity_poly.type
_entity_poly.pdbx_seq_one_letter_code
_entity_poly.pdbx_strand_id
1 'polypeptide(L)'
;MGSSHHHHHHSSGENLYFQHMGLLSTNFDMIQALPLNVKQRVCALKNLQMKTIQIESDFYKRVHELEIEFEGKFKSTFDQ
RKAIVAGEVEPTKEQIDTPILEGLEGDQLAELYKAAEADPSAKGIKDFWLTALRTHDLVAEAIEEHDVPILSYLTDVTTA
ASKDPAGFKIEFHFATNPYFKNQVLTKTYLLGFDPDAEAPLQFDGPHVIRAVGDTIEWEDGKNVTKKAVKKKQKKGANAG
KFLTKTVKADSFFNFFEPPKSKDERNEDEDDEQAEEFLELDYEMGQAIRDTIIPRAVLFYTGELQSDD
;
A,B
2 'polypeptide(L)'
;HMRKESYSVYIYRVLKQVHPDTGVSSKAMSIMNSFVNDVFERIAAEASRLAHYNKRSTISSREIQTAVRLILPGELAKHA
VSEGTKAVTKYTSSKSKVVSRSARAGLQFPVGRIHRFLKQRTTSSGRVGATAAVYSAAILEYLTAEVLELAGNASKDLKV
KRITPRHLHLAIRGDEELDTLIKATIAGGGVIPHIHRYLMNKK
;
D
#
# COMPACT_ATOMS: atom_id res chain seq x y z
N GLN A 19 8.09 15.50 0.74
CA GLN A 19 8.85 16.72 0.52
C GLN A 19 8.92 17.55 1.80
N HIS A 20 9.98 18.33 1.92
CA HIS A 20 10.18 19.12 3.13
C HIS A 20 10.67 20.53 2.82
N GLY A 22 12.31 23.54 4.33
CA GLY A 22 13.00 24.14 5.46
C GLY A 22 14.42 23.63 5.69
N LEU A 23 14.95 23.96 6.88
CA LEU A 23 16.29 23.57 7.33
C LEU A 23 16.39 22.11 7.71
N LEU A 24 15.30 21.36 7.70
CA LEU A 24 15.30 19.98 8.17
C LEU A 24 15.70 19.01 7.09
N SER A 25 16.17 19.51 5.95
CA SER A 25 16.69 18.67 4.89
C SER A 25 17.82 17.78 5.41
N THR A 26 17.71 16.48 5.11
CA THR A 26 18.62 15.44 5.61
C THR A 26 20.08 15.82 5.52
N ASN A 27 20.49 16.46 4.44
CA ASN A 27 21.89 16.79 4.19
C ASN A 27 22.17 18.28 4.34
N PHE A 28 21.49 18.95 5.28
CA PHE A 28 21.68 20.39 5.43
C PHE A 28 23.13 20.74 5.70
N ASP A 29 23.77 20.01 6.64
CA ASP A 29 25.13 20.39 7.04
C ASP A 29 26.09 20.34 5.87
N MET A 30 25.97 19.31 5.02
CA MET A 30 26.79 19.24 3.81
C MET A 30 26.52 20.42 2.89
N ILE A 31 25.24 20.72 2.63
CA ILE A 31 24.88 21.81 1.73
C ILE A 31 25.49 23.11 2.22
N GLN A 32 25.24 23.43 3.49
CA GLN A 32 25.72 24.66 4.11
C GLN A 32 27.25 24.77 4.03
N ALA A 33 27.95 23.64 4.13
CA ALA A 33 29.40 23.62 4.06
C ALA A 33 29.95 23.68 2.64
N LEU A 34 29.08 23.68 1.62
CA LEU A 34 29.52 23.69 0.24
C LEU A 34 30.05 25.07 -0.16
N PRO A 35 31.16 25.13 -0.90
CA PRO A 35 31.57 26.39 -1.53
C PRO A 35 30.41 27.06 -2.27
N LEU A 36 30.47 28.39 -2.38
CA LEU A 36 29.40 29.14 -3.02
C LEU A 36 29.23 28.73 -4.48
N ASN A 37 30.34 28.53 -5.19
CA ASN A 37 30.25 28.22 -6.61
C ASN A 37 29.62 26.86 -6.86
N VAL A 38 29.67 25.95 -5.90
CA VAL A 38 28.98 24.67 -6.01
C VAL A 38 27.52 24.82 -5.61
N LYS A 39 27.25 25.62 -4.58
CA LYS A 39 25.88 25.94 -4.20
C LYS A 39 25.10 26.49 -5.38
N GLN A 40 25.77 27.27 -6.23
CA GLN A 40 25.08 27.85 -7.38
C GLN A 40 24.79 26.82 -8.46
N ARG A 41 25.69 25.84 -8.64
CA ARG A 41 25.39 24.72 -9.53
C ARG A 41 24.20 23.93 -9.01
N VAL A 42 24.13 23.75 -7.69
CA VAL A 42 22.98 23.06 -7.09
C VAL A 42 21.70 23.87 -7.31
N CYS A 43 21.81 25.20 -7.25
CA CYS A 43 20.66 26.05 -7.56
C CYS A 43 20.20 25.85 -9.00
N ALA A 44 21.16 25.72 -9.91
CA ALA A 44 20.82 25.45 -11.30
C ALA A 44 20.09 24.13 -11.42
N LEU A 45 20.48 23.15 -10.62
CA LEU A 45 19.78 21.88 -10.64
C LEU A 45 18.36 22.00 -10.11
N LYS A 46 18.14 22.88 -9.12
CA LYS A 46 16.76 23.12 -8.66
C LYS A 46 15.90 23.69 -9.78
N ASN A 47 16.47 24.62 -10.55
CA ASN A 47 15.77 25.17 -11.71
C ASN A 47 15.43 24.06 -12.71
N LEU A 48 16.42 23.22 -13.01
CA LEU A 48 16.19 22.11 -13.93
C LEU A 48 15.14 21.14 -13.41
N GLN A 49 15.10 20.93 -12.10
CA GLN A 49 14.10 20.04 -11.51
C GLN A 49 12.71 20.60 -11.70
N MET A 50 12.57 21.93 -11.66
CA MET A 50 11.27 22.53 -11.98
C MET A 50 10.87 22.23 -13.42
N LYS A 51 11.84 22.26 -14.34
CA LYS A 51 11.50 21.93 -15.73
C LYS A 51 11.09 20.47 -15.88
N THR A 52 11.82 19.57 -15.21
CA THR A 52 11.45 18.15 -15.24
C THR A 52 10.04 17.97 -14.73
N ILE A 53 9.69 18.69 -13.66
CA ILE A 53 8.36 18.58 -13.07
C ILE A 53 7.28 19.04 -14.04
N GLN A 54 7.56 20.10 -14.81
CA GLN A 54 6.57 20.52 -15.81
C GLN A 54 6.34 19.44 -16.86
N ILE A 55 7.40 18.72 -17.24
CA ILE A 55 7.19 17.62 -18.19
C ILE A 55 6.37 16.51 -17.55
N GLU A 56 6.64 16.20 -16.27
CA GLU A 56 5.84 15.20 -15.57
C GLU A 56 4.36 15.60 -15.56
N SER A 57 4.09 16.88 -15.31
CA SER A 57 2.73 17.41 -15.38
C SER A 57 2.07 17.06 -16.72
N ASP A 58 2.78 17.32 -17.82
CA ASP A 58 2.17 17.02 -19.11
C ASP A 58 1.95 15.51 -19.31
N PHE A 59 2.87 14.70 -18.77
CA PHE A 59 2.71 13.25 -18.83
C PHE A 59 1.45 12.81 -18.10
N TYR A 60 1.19 13.41 -16.94
CA TYR A 60 0.02 13.03 -16.15
C TYR A 60 -1.26 13.40 -16.88
N LYS A 61 -1.27 14.55 -17.56
CA LYS A 61 -2.42 14.89 -18.39
C LYS A 61 -2.66 13.84 -19.47
N ARG A 62 -1.57 13.32 -20.08
CA ARG A 62 -1.75 12.27 -21.08
C ARG A 62 -2.37 11.01 -20.46
N VAL A 63 -1.90 10.63 -19.27
CA VAL A 63 -2.47 9.46 -18.59
C VAL A 63 -3.95 9.68 -18.27
N HIS A 64 -4.32 10.91 -17.89
CA HIS A 64 -5.73 11.18 -17.63
C HIS A 64 -6.56 10.93 -18.87
N GLU A 65 -6.07 11.39 -20.02
CA GLU A 65 -6.78 11.13 -21.26
C GLU A 65 -6.82 9.64 -21.59
N LEU A 66 -5.80 8.90 -21.18
CA LEU A 66 -5.81 7.47 -21.42
C LEU A 66 -6.89 6.78 -20.59
N GLU A 67 -7.02 7.18 -19.31
CA GLU A 67 -8.12 6.66 -18.48
C GLU A 67 -9.47 6.97 -19.09
N ILE A 68 -9.66 8.20 -19.57
CA ILE A 68 -10.90 8.55 -20.25
C ILE A 68 -11.13 7.66 -21.46
N GLU A 69 -10.09 7.48 -22.28
CA GLU A 69 -10.21 6.64 -23.48
C GLU A 69 -10.56 5.20 -23.13
N PHE A 70 -10.06 4.71 -22.00
CA PHE A 70 -10.26 3.31 -21.62
C PHE A 70 -11.57 3.07 -20.89
N GLU A 71 -12.28 4.14 -20.51
CA GLU A 71 -13.59 3.94 -19.91
C GLU A 71 -14.49 3.14 -20.85
N GLY A 72 -14.45 3.47 -22.15
CA GLY A 72 -15.21 2.73 -23.14
C GLY A 72 -14.80 1.28 -23.26
N LYS A 73 -13.51 0.98 -23.04
CA LYS A 73 -13.04 -0.39 -23.13
C LYS A 73 -13.45 -1.22 -21.90
N PHE A 74 -13.47 -0.60 -20.72
CA PHE A 74 -13.93 -1.25 -19.49
C PHE A 74 -15.46 -1.40 -19.42
N LYS A 75 -16.17 -0.51 -20.12
CA LYS A 75 -17.62 -0.37 -19.94
C LYS A 75 -18.37 -1.68 -20.07
N SER A 76 -17.99 -2.54 -21.01
CA SER A 76 -18.73 -3.79 -21.22
C SER A 76 -18.65 -4.70 -20.01
N THR A 77 -17.43 -4.99 -19.54
CA THR A 77 -17.28 -5.85 -18.37
C THR A 77 -17.96 -5.25 -17.15
N PHE A 78 -17.99 -3.91 -17.04
CA PHE A 78 -18.63 -3.34 -15.85
C PHE A 78 -20.15 -3.45 -15.93
N ASP A 79 -20.73 -3.18 -17.10
CA ASP A 79 -22.17 -3.34 -17.25
C ASP A 79 -22.60 -4.79 -17.04
N GLN A 80 -21.82 -5.74 -17.56
CA GLN A 80 -22.16 -7.14 -17.35
C GLN A 80 -22.10 -7.51 -15.89
N ARG A 81 -21.15 -6.93 -15.14
CA ARG A 81 -21.12 -7.17 -13.71
C ARG A 81 -22.39 -6.62 -13.06
N LYS A 82 -22.78 -5.40 -13.44
CA LYS A 82 -24.01 -4.82 -12.90
C LYS A 82 -25.21 -5.73 -13.15
N ALA A 83 -25.30 -6.26 -14.37
CA ALA A 83 -26.42 -7.12 -14.74
C ALA A 83 -26.42 -8.43 -13.94
N ILE A 84 -25.25 -9.06 -13.77
CA ILE A 84 -25.18 -10.26 -12.95
C ILE A 84 -25.63 -9.96 -11.53
N VAL A 85 -25.18 -8.83 -10.98
CA VAL A 85 -25.47 -8.49 -9.59
C VAL A 85 -26.94 -8.18 -9.42
N ALA A 86 -27.56 -7.52 -10.39
CA ALA A 86 -28.97 -7.17 -10.29
C ALA A 86 -29.89 -8.31 -10.69
N GLY A 87 -29.34 -9.44 -11.12
CA GLY A 87 -30.12 -10.58 -11.54
C GLY A 87 -30.80 -10.43 -12.89
N GLU A 88 -30.43 -9.42 -13.67
CA GLU A 88 -31.10 -9.18 -14.94
C GLU A 88 -30.67 -10.20 -16.01
N VAL A 89 -29.46 -10.75 -15.86
CA VAL A 89 -28.95 -11.79 -16.75
C VAL A 89 -28.43 -12.93 -15.89
N GLU A 90 -28.46 -14.16 -16.46
CA GLU A 90 -28.00 -15.36 -15.78
C GLU A 90 -26.62 -15.79 -16.28
N PRO A 91 -25.82 -16.43 -15.43
CA PRO A 91 -24.51 -16.93 -15.85
C PRO A 91 -24.56 -17.92 -17.02
N THR A 92 -23.53 -17.86 -17.86
CA THR A 92 -23.30 -18.85 -18.90
C THR A 92 -22.43 -19.97 -18.33
N LYS A 93 -22.40 -21.11 -19.04
CA LYS A 93 -21.64 -22.24 -18.56
C LYS A 93 -20.15 -21.93 -18.47
N GLU A 94 -19.65 -21.08 -19.36
CA GLU A 94 -18.27 -20.67 -19.29
C GLU A 94 -17.99 -19.96 -17.98
N GLN A 95 -18.92 -19.10 -17.56
CA GLN A 95 -18.79 -18.39 -16.29
C GLN A 95 -18.95 -19.33 -15.09
N ILE A 96 -19.84 -20.32 -15.20
CA ILE A 96 -20.05 -21.26 -14.09
C ILE A 96 -18.83 -22.16 -13.92
N ASP A 97 -18.10 -22.42 -14.99
CA ASP A 97 -16.90 -23.24 -14.90
C ASP A 97 -15.70 -22.45 -14.40
N THR A 98 -15.83 -21.13 -14.27
CA THR A 98 -14.81 -20.33 -13.61
C THR A 98 -14.87 -20.60 -12.12
N PRO A 99 -13.78 -21.01 -11.48
CA PRO A 99 -13.83 -21.32 -10.04
C PRO A 99 -14.21 -20.10 -9.21
N ILE A 100 -15.05 -20.32 -8.21
CA ILE A 100 -15.49 -19.23 -7.34
C ILE A 100 -14.31 -18.65 -6.57
N LEU A 101 -13.41 -19.51 -6.11
CA LEU A 101 -12.15 -19.08 -5.52
C LEU A 101 -11.02 -19.89 -6.14
N GLU A 102 -9.89 -19.23 -6.39
CA GLU A 102 -8.73 -19.92 -6.89
C GLU A 102 -7.96 -20.51 -5.71
N GLY A 103 -7.08 -21.46 -6.01
CA GLY A 103 -6.32 -22.08 -4.94
C GLY A 103 -7.09 -23.03 -4.04
N LEU A 104 -7.93 -23.87 -4.64
CA LEU A 104 -8.69 -24.86 -3.89
C LEU A 104 -8.37 -26.26 -4.40
N GLU A 105 -8.16 -27.20 -3.48
CA GLU A 105 -8.03 -28.60 -3.87
C GLU A 105 -9.35 -29.00 -4.54
N GLY A 106 -9.34 -30.06 -5.35
CA GLY A 106 -10.52 -30.33 -6.17
C GLY A 106 -11.73 -30.70 -5.34
N ASP A 107 -11.54 -31.52 -4.31
CA ASP A 107 -12.65 -31.90 -3.44
C ASP A 107 -13.16 -30.66 -2.74
N GLN A 108 -12.26 -29.71 -2.46
CA GLN A 108 -12.63 -28.50 -1.75
C GLN A 108 -13.58 -27.65 -2.56
N LEU A 109 -13.28 -27.46 -3.86
CA LEU A 109 -14.16 -26.65 -4.68
C LEU A 109 -15.51 -27.33 -4.80
N ALA A 110 -15.51 -28.66 -4.91
CA ALA A 110 -16.77 -29.37 -5.06
C ALA A 110 -17.61 -29.32 -3.79
N GLU A 111 -16.98 -29.43 -2.62
CA GLU A 111 -17.71 -29.35 -1.36
C GLU A 111 -18.28 -27.95 -1.16
N LEU A 112 -17.47 -26.94 -1.48
CA LEU A 112 -17.95 -25.57 -1.44
C LEU A 112 -19.22 -25.43 -2.27
N TYR A 113 -19.17 -25.90 -3.52
CA TYR A 113 -20.32 -25.82 -4.41
C TYR A 113 -21.48 -26.67 -3.92
N LYS A 114 -21.25 -27.53 -2.93
CA LYS A 114 -22.28 -28.38 -2.37
C LYS A 114 -22.62 -28.04 -0.91
N ALA A 115 -22.15 -26.91 -0.40
CA ALA A 115 -22.37 -26.56 1.00
C ALA A 115 -23.68 -25.84 1.22
N ALA A 116 -24.33 -25.41 0.15
CA ALA A 116 -25.64 -24.76 0.27
C ALA A 116 -26.39 -24.92 -1.04
N GLU A 117 -27.63 -25.41 -0.96
CA GLU A 117 -28.43 -25.67 -2.14
C GLU A 117 -28.97 -24.36 -2.71
N ALA A 118 -29.18 -24.35 -4.02
CA ALA A 118 -29.72 -23.17 -4.69
C ALA A 118 -31.04 -22.74 -4.08
N ASP A 119 -31.31 -21.43 -4.16
CA ASP A 119 -32.51 -20.84 -3.57
C ASP A 119 -33.04 -19.84 -4.60
N PRO A 120 -34.12 -20.21 -5.31
CA PRO A 120 -34.64 -19.31 -6.35
C PRO A 120 -35.23 -18.01 -5.81
N SER A 121 -35.60 -17.96 -4.52
CA SER A 121 -36.08 -16.70 -3.95
C SER A 121 -34.99 -15.64 -3.93
N ALA A 122 -33.73 -16.05 -4.07
CA ALA A 122 -32.61 -15.11 -4.05
C ALA A 122 -32.27 -14.61 -5.46
N LYS A 123 -32.77 -13.42 -5.75
CA LYS A 123 -32.20 -12.58 -6.80
C LYS A 123 -30.82 -12.00 -6.60
N GLY A 124 -30.07 -12.03 -7.70
CA GLY A 124 -28.82 -11.37 -7.88
C GLY A 124 -27.82 -11.78 -6.83
N ILE A 125 -26.98 -10.83 -6.47
CA ILE A 125 -25.98 -11.00 -5.44
C ILE A 125 -26.27 -9.93 -4.40
N LYS A 126 -27.08 -10.29 -3.40
CA LYS A 126 -27.37 -9.38 -2.29
C LYS A 126 -26.07 -8.82 -1.71
N ASP A 127 -26.09 -7.51 -1.42
CA ASP A 127 -25.05 -6.87 -0.63
C ASP A 127 -23.68 -6.89 -1.30
N PHE A 128 -23.63 -6.95 -2.63
CA PHE A 128 -22.35 -6.99 -3.31
C PHE A 128 -21.49 -5.78 -2.96
N TRP A 129 -21.93 -4.58 -3.35
CA TRP A 129 -21.12 -3.38 -3.18
C TRP A 129 -20.87 -3.07 -1.71
N LEU A 130 -21.86 -3.30 -0.84
CA LEU A 130 -21.62 -3.13 0.60
C LEU A 130 -20.46 -3.98 1.07
N THR A 131 -20.44 -5.26 0.67
CA THR A 131 -19.38 -6.16 1.11
C THR A 131 -18.04 -5.77 0.49
N ALA A 132 -18.06 -5.37 -0.79
CA ALA A 132 -16.83 -4.95 -1.44
C ALA A 132 -16.25 -3.73 -0.75
N LEU A 133 -17.11 -2.76 -0.42
CA LEU A 133 -16.65 -1.53 0.21
C LEU A 133 -16.11 -1.80 1.61
N ARG A 134 -16.83 -2.61 2.39
CA ARG A 134 -16.42 -2.85 3.77
C ARG A 134 -15.22 -3.79 3.87
N THR A 135 -14.88 -4.51 2.79
CA THR A 135 -13.70 -5.36 2.83
C THR A 135 -12.41 -4.60 2.53
N HIS A 136 -12.49 -3.43 1.89
CA HIS A 136 -11.33 -2.55 1.75
C HIS A 136 -11.06 -1.87 3.09
N ASP A 137 -9.82 -1.89 3.56
CA ASP A 137 -9.56 -1.45 4.92
C ASP A 137 -9.82 0.04 5.09
N LEU A 138 -9.39 0.84 4.12
CA LEU A 138 -9.57 2.28 4.21
C LEU A 138 -11.05 2.67 4.20
N VAL A 139 -11.82 2.07 3.29
CA VAL A 139 -13.24 2.40 3.22
C VAL A 139 -13.95 1.80 4.41
N ALA A 140 -13.48 0.65 4.89
CA ALA A 140 -14.09 0.03 6.07
C ALA A 140 -14.00 0.97 7.27
N GLU A 141 -12.96 1.80 7.32
CA GLU A 141 -12.83 2.72 8.46
C GLU A 141 -13.91 3.79 8.45
N ALA A 142 -14.55 4.03 7.31
CA ALA A 142 -15.55 5.09 7.20
C ALA A 142 -16.99 4.58 7.34
N ILE A 143 -17.19 3.27 7.40
CA ILE A 143 -18.53 2.69 7.48
C ILE A 143 -18.86 2.40 8.94
N GLU A 144 -19.92 3.01 9.44
CA GLU A 144 -20.40 2.79 10.78
C GLU A 144 -21.56 1.79 10.74
N GLU A 145 -21.93 1.30 11.91
CA GLU A 145 -22.97 0.27 11.96
C GLU A 145 -24.29 0.78 11.40
N HIS A 146 -24.58 2.07 11.58
CA HIS A 146 -25.83 2.62 11.08
C HIS A 146 -25.82 2.88 9.58
N ASP A 147 -24.65 2.84 8.93
CA ASP A 147 -24.57 2.93 7.47
C ASP A 147 -24.89 1.62 6.76
N VAL A 148 -24.73 0.48 7.44
CA VAL A 148 -24.77 -0.82 6.76
C VAL A 148 -26.10 -1.06 6.05
N PRO A 149 -27.26 -0.95 6.72
CA PRO A 149 -28.52 -1.19 5.99
C PRO A 149 -28.76 -0.21 4.85
N ILE A 150 -28.21 1.00 4.93
CA ILE A 150 -28.39 1.94 3.82
C ILE A 150 -27.59 1.47 2.61
N LEU A 151 -26.34 1.06 2.83
CA LEU A 151 -25.50 0.59 1.75
C LEU A 151 -26.00 -0.72 1.17
N SER A 152 -26.85 -1.46 1.90
CA SER A 152 -27.42 -2.66 1.30
C SER A 152 -28.27 -2.37 0.06
N TYR A 153 -28.78 -1.16 -0.08
CA TYR A 153 -29.59 -0.77 -1.23
C TYR A 153 -28.76 -0.27 -2.40
N LEU A 154 -27.44 -0.43 -2.33
CA LEU A 154 -26.55 0.04 -3.38
C LEU A 154 -26.52 -0.98 -4.52
N THR A 155 -26.94 -0.56 -5.72
CA THR A 155 -27.03 -1.44 -6.86
C THR A 155 -25.83 -1.33 -7.80
N ASP A 156 -25.07 -0.24 -7.76
CA ASP A 156 -23.90 -0.07 -8.61
C ASP A 156 -23.06 1.10 -8.08
N VAL A 157 -21.76 1.06 -8.37
CA VAL A 157 -20.85 2.18 -8.14
C VAL A 157 -20.05 2.41 -9.41
N THR A 158 -20.04 3.65 -9.89
CA THR A 158 -19.48 3.99 -11.19
C THR A 158 -18.54 5.17 -11.06
N THR A 159 -17.60 5.27 -11.99
CA THR A 159 -16.68 6.40 -12.05
C THR A 159 -16.46 6.84 -13.50
N ALA A 160 -16.27 8.14 -13.68
CA ALA A 160 -15.92 8.70 -14.97
C ALA A 160 -15.04 9.93 -14.75
N ALA A 161 -14.16 10.18 -15.72
CA ALA A 161 -13.18 11.27 -15.64
C ALA A 161 -13.46 12.31 -16.73
N SER A 162 -13.05 13.54 -16.44
CA SER A 162 -13.23 14.63 -17.36
C SER A 162 -11.95 15.38 -17.55
N LYS A 163 -11.89 16.18 -18.60
CA LYS A 163 -10.70 16.96 -18.87
C LYS A 163 -10.92 18.42 -18.69
N ASP A 164 -12.16 18.86 -18.80
CA ASP A 164 -12.49 20.25 -18.62
C ASP A 164 -13.92 20.36 -18.17
N PRO A 165 -14.13 20.43 -16.86
CA PRO A 165 -13.03 20.69 -15.92
C PRO A 165 -12.29 19.39 -15.59
N ALA A 166 -11.03 19.49 -15.21
CA ALA A 166 -10.22 18.29 -15.01
C ALA A 166 -10.58 17.64 -13.67
N GLY A 167 -10.79 16.33 -13.69
CA GLY A 167 -11.03 15.57 -12.48
C GLY A 167 -11.87 14.36 -12.77
N PHE A 168 -12.60 13.91 -11.76
CA PHE A 168 -13.42 12.72 -11.95
C PHE A 168 -14.58 12.71 -10.96
N LYS A 169 -15.50 11.79 -11.18
CA LYS A 169 -16.64 11.64 -10.28
C LYS A 169 -16.83 10.17 -9.95
N ILE A 170 -17.42 9.92 -8.78
CA ILE A 170 -17.88 8.62 -8.35
C ILE A 170 -19.36 8.73 -8.10
N GLU A 171 -20.14 7.78 -8.62
CA GLU A 171 -21.58 7.82 -8.47
C GLU A 171 -22.07 6.53 -7.86
N PHE A 172 -22.85 6.64 -6.80
CA PHE A 172 -23.44 5.52 -6.10
C PHE A 172 -24.93 5.45 -6.45
N HIS A 173 -25.35 4.33 -7.03
CA HIS A 173 -26.70 4.14 -7.52
C HIS A 173 -27.47 3.33 -6.48
N PHE A 174 -28.55 3.92 -5.95
CA PHE A 174 -29.32 3.32 -4.86
C PHE A 174 -30.70 2.92 -5.34
N ALA A 175 -31.09 1.69 -5.03
CA ALA A 175 -32.47 1.28 -5.22
C ALA A 175 -33.38 2.06 -4.27
N THR A 176 -34.67 2.09 -4.62
CA THR A 176 -35.66 2.75 -3.78
C THR A 176 -35.58 2.20 -2.36
N ASN A 177 -35.54 3.11 -1.38
CA ASN A 177 -35.13 2.75 -0.03
C ASN A 177 -35.75 3.71 0.97
N PRO A 178 -35.93 3.30 2.23
CA PRO A 178 -36.57 4.17 3.23
C PRO A 178 -35.66 5.23 3.82
N TYR A 179 -34.39 5.30 3.42
CA TYR A 179 -33.47 6.26 4.05
C TYR A 179 -33.42 7.60 3.31
N PHE A 180 -33.37 7.60 1.99
CA PHE A 180 -33.36 8.86 1.25
C PHE A 180 -33.94 8.65 -0.13
N LYS A 181 -34.31 9.76 -0.76
CA LYS A 181 -35.03 9.72 -2.02
C LYS A 181 -34.11 9.73 -3.23
N ASN A 182 -32.84 10.12 -3.05
CA ASN A 182 -31.92 10.20 -4.17
C ASN A 182 -31.75 8.83 -4.82
N GLN A 183 -31.69 8.81 -6.15
CA GLN A 183 -31.36 7.60 -6.87
C GLN A 183 -29.85 7.44 -7.06
N VAL A 184 -29.15 8.57 -7.22
CA VAL A 184 -27.70 8.59 -7.37
C VAL A 184 -27.12 9.62 -6.41
N LEU A 185 -26.13 9.20 -5.62
CA LEU A 185 -25.31 10.13 -4.86
C LEU A 185 -23.99 10.31 -5.59
N THR A 186 -23.56 11.55 -5.77
CA THR A 186 -22.41 11.85 -6.62
C THR A 186 -21.36 12.58 -5.82
N LYS A 187 -20.11 12.14 -5.96
CA LYS A 187 -18.94 12.83 -5.43
C LYS A 187 -18.07 13.24 -6.62
N THR A 188 -17.63 14.49 -6.66
CA THR A 188 -16.90 15.02 -7.78
C THR A 188 -15.62 15.66 -7.25
N TYR A 189 -14.49 15.36 -7.89
CA TYR A 189 -13.20 15.93 -7.53
C TYR A 189 -12.69 16.75 -8.71
N LEU A 190 -12.27 17.98 -8.42
CA LEU A 190 -11.59 18.86 -9.36
C LEU A 190 -10.11 18.87 -9.02
N LEU A 191 -9.30 18.48 -10.00
CA LEU A 191 -7.87 18.26 -9.86
C LEU A 191 -7.08 19.29 -10.64
N GLY A 192 -5.93 19.68 -10.09
CA GLY A 192 -4.91 20.40 -10.85
C GLY A 192 -3.81 19.46 -11.29
N PHE A 193 -3.52 19.48 -12.59
CA PHE A 193 -2.44 18.69 -13.16
C PHE A 193 -1.22 19.54 -13.43
N ASP A 194 -1.26 20.72 -13.11
CA ASP A 194 -0.12 21.56 -13.36
C ASP A 194 0.66 21.69 -12.07
N PRO A 195 1.96 21.93 -12.13
CA PRO A 195 2.73 22.07 -10.90
C PRO A 195 2.13 23.16 -10.04
N ASP A 196 1.92 22.84 -8.78
CA ASP A 196 1.41 23.82 -7.84
C ASP A 196 2.38 24.99 -7.73
N ALA A 197 1.85 26.19 -7.75
CA ALA A 197 2.71 27.36 -7.73
C ALA A 197 3.10 27.71 -6.32
N GLU A 198 2.36 27.19 -5.36
CA GLU A 198 2.66 27.46 -3.97
C GLU A 198 3.81 26.60 -3.54
N ALA A 199 4.03 25.51 -4.27
CA ALA A 199 5.14 24.62 -3.96
C ALA A 199 5.53 23.80 -5.20
N PRO A 200 6.26 24.41 -6.13
CA PRO A 200 6.49 23.73 -7.42
C PRO A 200 7.23 22.40 -7.33
N LEU A 201 8.29 22.32 -6.52
CA LEU A 201 9.08 21.09 -6.47
C LEU A 201 8.37 19.95 -5.72
N GLN A 202 7.23 20.22 -5.07
CA GLN A 202 6.54 19.20 -4.29
C GLN A 202 5.61 18.36 -5.15
N PHE A 203 5.53 18.65 -6.44
CA PHE A 203 4.65 17.94 -7.36
C PHE A 203 4.94 16.44 -7.38
N ASP A 204 3.88 15.65 -7.22
CA ASP A 204 3.96 14.20 -7.39
C ASP A 204 2.70 13.68 -8.07
N GLY A 205 2.14 14.46 -8.99
CA GLY A 205 0.95 14.05 -9.71
C GLY A 205 -0.20 15.02 -9.54
N PRO A 206 -1.37 14.64 -10.04
CA PRO A 206 -2.55 15.50 -9.87
C PRO A 206 -2.85 15.69 -8.39
N HIS A 207 -3.21 16.92 -8.04
CA HIS A 207 -3.59 17.29 -6.69
C HIS A 207 -5.03 17.81 -6.69
N VAL A 208 -5.71 17.66 -5.58
CA VAL A 208 -7.14 17.98 -5.52
C VAL A 208 -7.30 19.47 -5.25
N ILE A 209 -8.08 20.13 -6.10
CA ILE A 209 -8.46 21.52 -5.88
C ILE A 209 -9.72 21.60 -5.05
N ARG A 210 -10.75 20.87 -5.47
CA ARG A 210 -12.04 20.98 -4.81
C ARG A 210 -12.73 19.61 -4.78
N ALA A 211 -13.41 19.34 -3.68
CA ALA A 211 -14.35 18.22 -3.58
C ALA A 211 -15.77 18.77 -3.48
N VAL A 212 -16.67 18.19 -4.25
CA VAL A 212 -18.08 18.59 -4.26
C VAL A 212 -18.94 17.34 -4.06
N GLY A 213 -19.86 17.40 -3.11
CA GLY A 213 -20.74 16.28 -2.82
C GLY A 213 -22.12 16.45 -3.42
N ASP A 214 -23.11 15.88 -2.73
CA ASP A 214 -24.50 15.87 -3.19
C ASP A 214 -25.38 16.03 -1.97
N THR A 215 -26.46 16.80 -2.11
CA THR A 215 -27.42 16.92 -1.03
C THR A 215 -28.21 15.62 -0.92
N ILE A 216 -28.19 15.02 0.27
CA ILE A 216 -28.94 13.79 0.50
C ILE A 216 -30.30 14.18 1.05
N GLU A 217 -31.35 13.74 0.36
CA GLU A 217 -32.72 14.07 0.72
C GLU A 217 -33.22 12.99 1.67
N TRP A 218 -32.89 13.16 2.95
CA TRP A 218 -33.20 12.16 3.95
C TRP A 218 -34.70 12.09 4.25
N GLU A 219 -35.20 10.88 4.44
CA GLU A 219 -36.52 10.72 5.03
C GLU A 219 -36.45 11.12 6.52
N ASP A 220 -37.61 11.31 7.12
CA ASP A 220 -37.66 11.80 8.49
C ASP A 220 -36.99 10.83 9.46
N GLY A 221 -36.09 11.34 10.29
CA GLY A 221 -35.47 10.55 11.33
C GLY A 221 -34.33 9.66 10.87
N LYS A 222 -33.87 9.82 9.64
CA LYS A 222 -32.91 8.90 9.05
C LYS A 222 -31.52 9.49 8.88
N ASN A 223 -31.35 10.79 9.11
CA ASN A 223 -30.06 11.39 8.80
C ASN A 223 -29.03 10.98 9.85
N VAL A 224 -28.28 9.91 9.54
CA VAL A 224 -27.27 9.39 10.44
C VAL A 224 -26.01 10.24 10.50
N THR A 225 -25.88 11.25 9.64
CA THR A 225 -24.72 12.13 9.67
C THR A 225 -24.85 13.30 10.63
N LYS A 226 -26.00 13.49 11.29
CA LYS A 226 -26.22 14.68 12.10
C LYS A 226 -26.76 14.30 13.47
N LYS A 227 -26.28 14.98 14.50
CA LYS A 227 -26.77 14.76 15.85
C LYS A 227 -26.85 16.11 16.57
N ALA A 228 -27.69 16.19 17.58
CA ALA A 228 -27.78 17.40 18.40
C ALA A 228 -27.12 17.18 19.76
N VAL A 229 -26.49 18.24 20.27
CA VAL A 229 -25.98 18.20 21.65
C VAL A 229 -26.35 19.50 22.35
N LYS A 230 -26.59 19.38 23.65
CA LYS A 230 -26.89 20.51 24.53
C LYS A 230 -25.78 20.70 25.56
N LEU A 243 -27.48 25.81 25.25
CA LEU A 243 -27.76 25.89 23.82
C LEU A 243 -27.69 24.53 23.15
N THR A 244 -28.61 24.28 22.21
CA THR A 244 -28.60 23.05 21.41
C THR A 244 -27.98 23.36 20.05
N LYS A 245 -26.94 22.62 19.70
CA LYS A 245 -26.26 22.78 18.42
C LYS A 245 -26.26 21.46 17.67
N THR A 246 -26.42 21.56 16.34
CA THR A 246 -26.28 20.41 15.46
C THR A 246 -24.81 20.21 15.11
N VAL A 247 -24.34 18.98 15.24
CA VAL A 247 -22.96 18.63 14.94
C VAL A 247 -22.91 17.45 13.99
N LYS A 248 -21.69 17.21 13.48
CA LYS A 248 -21.43 16.10 12.59
C LYS A 248 -21.41 14.80 13.40
N ALA A 249 -22.10 13.79 12.88
CA ALA A 249 -22.00 12.44 13.43
C ALA A 249 -21.14 11.63 12.47
N ASP A 250 -20.58 10.54 12.98
CA ASP A 250 -19.74 9.72 12.11
C ASP A 250 -20.60 8.89 11.18
N SER A 251 -20.31 8.98 9.89
CA SER A 251 -21.06 8.25 8.88
C SER A 251 -20.28 8.29 7.57
N PHE A 252 -20.24 7.15 6.89
CA PHE A 252 -19.75 7.08 5.53
C PHE A 252 -20.32 8.20 4.67
N PHE A 253 -21.58 8.57 4.91
CA PHE A 253 -22.28 9.50 4.05
C PHE A 253 -21.80 10.95 4.21
N ASN A 254 -20.93 11.22 5.18
CA ASN A 254 -20.20 12.48 5.16
C ASN A 254 -19.26 12.59 3.97
N PHE A 255 -19.07 11.50 3.24
CA PHE A 255 -18.37 11.53 1.96
C PHE A 255 -19.00 12.53 1.00
N PHE A 256 -20.30 12.78 1.15
CA PHE A 256 -21.03 13.66 0.26
C PHE A 256 -21.19 15.07 0.82
N GLU A 257 -20.64 15.34 2.00
CA GLU A 257 -20.45 16.69 2.52
C GLU A 257 -18.97 16.90 2.74
N PRO A 258 -18.19 17.04 1.66
CA PRO A 258 -16.74 17.09 1.80
C PRO A 258 -16.28 18.38 2.45
N PRO A 259 -15.10 18.38 3.06
CA PRO A 259 -14.53 19.61 3.60
C PRO A 259 -14.38 20.69 2.53
N LYS A 260 -14.60 21.94 2.95
CA LYS A 260 -14.31 23.08 2.11
C LYS A 260 -12.79 23.32 2.04
N SER A 261 -12.36 23.98 0.96
CA SER A 261 -10.96 24.35 0.70
C SER A 261 -10.75 25.85 0.95
N LYS A 262 -9.51 26.27 1.03
CA LYS A 262 -9.21 27.67 1.30
C LYS A 262 -10.14 28.52 0.52
N ASP A 263 -10.50 28.04 -0.65
CA ASP A 263 -11.41 28.77 -1.48
C ASP A 263 -12.56 29.24 -0.64
N GLU A 264 -13.02 28.40 0.30
CA GLU A 264 -14.20 28.81 1.04
C GLU A 264 -14.14 28.36 2.48
N ARG A 265 -12.96 28.00 2.98
CA ARG A 265 -12.83 27.41 4.30
C ARG A 265 -13.15 28.42 5.37
N ASP A 270 -9.93 25.07 12.38
CA ASP A 270 -8.54 25.06 11.96
C ASP A 270 -8.46 25.45 10.47
N ASP A 271 -7.27 25.35 9.87
CA ASP A 271 -7.04 25.69 8.47
C ASP A 271 -6.40 24.54 7.74
N GLU A 272 -5.59 23.78 8.46
CA GLU A 272 -4.89 22.60 7.96
C GLU A 272 -5.54 21.32 8.49
N GLN A 273 -6.70 21.47 9.13
CA GLN A 273 -7.51 20.32 9.53
C GLN A 273 -8.47 19.94 8.42
N ALA A 274 -9.16 20.93 7.86
CA ALA A 274 -10.00 20.69 6.69
C ALA A 274 -9.13 20.42 5.48
N GLU A 275 -7.82 20.68 5.60
CA GLU A 275 -6.85 20.35 4.57
C GLU A 275 -6.36 18.92 4.68
N GLU A 276 -6.20 18.40 5.89
CA GLU A 276 -5.82 17.00 6.00
C GLU A 276 -7.06 16.13 5.85
N PHE A 277 -8.21 16.65 6.29
CA PHE A 277 -9.49 16.01 6.02
C PHE A 277 -9.71 15.87 4.52
N LEU A 278 -9.36 16.92 3.75
CA LEU A 278 -9.58 16.91 2.31
C LEU A 278 -8.71 15.85 1.65
N GLU A 279 -7.46 15.72 2.12
CA GLU A 279 -6.59 14.66 1.61
C GLU A 279 -7.17 13.29 1.93
N LEU A 280 -7.68 13.10 3.15
CA LEU A 280 -8.25 11.80 3.51
C LEU A 280 -9.44 11.48 2.62
N ASP A 281 -10.26 12.50 2.33
CA ASP A 281 -11.42 12.34 1.47
C ASP A 281 -10.99 12.00 0.04
N TYR A 282 -9.95 12.67 -0.45
CA TYR A 282 -9.43 12.39 -1.79
C TYR A 282 -8.80 11.00 -1.86
N GLU A 283 -8.08 10.59 -0.81
CA GLU A 283 -7.49 9.25 -0.79
C GLU A 283 -8.57 8.19 -0.82
N MET A 284 -9.68 8.44 -0.14
CA MET A 284 -10.78 7.49 -0.21
C MET A 284 -11.40 7.47 -1.61
N GLY A 285 -11.60 8.65 -2.19
CA GLY A 285 -11.99 8.73 -3.59
C GLY A 285 -11.12 7.88 -4.50
N GLN A 286 -9.79 8.04 -4.37
CA GLN A 286 -8.86 7.31 -5.21
C GLN A 286 -8.96 5.81 -4.99
N ALA A 287 -9.07 5.38 -3.73
CA ALA A 287 -9.25 3.95 -3.49
C ALA A 287 -10.46 3.42 -4.24
N ILE A 288 -11.61 4.11 -4.12
CA ILE A 288 -12.82 3.62 -4.75
C ILE A 288 -12.69 3.63 -6.28
N ARG A 289 -12.14 4.71 -6.85
CA ARG A 289 -12.02 4.80 -8.30
C ARG A 289 -10.98 3.82 -8.85
N ASP A 290 -9.78 3.79 -8.26
CA ASP A 290 -8.65 3.06 -8.82
C ASP A 290 -8.70 1.59 -8.46
N THR A 291 -9.11 1.26 -7.24
CA THR A 291 -8.95 -0.10 -6.72
C THR A 291 -10.27 -0.87 -6.64
N ILE A 292 -11.28 -0.32 -5.97
CA ILE A 292 -12.45 -1.12 -5.64
C ILE A 292 -13.34 -1.33 -6.86
N ILE A 293 -13.63 -0.27 -7.62
CA ILE A 293 -14.49 -0.41 -8.80
C ILE A 293 -13.90 -1.37 -9.83
N PRO A 294 -12.61 -1.28 -10.20
CA PRO A 294 -12.07 -2.25 -11.17
C PRO A 294 -11.97 -3.68 -10.63
N ARG A 295 -11.89 -3.87 -9.32
CA ARG A 295 -11.61 -5.19 -8.76
C ARG A 295 -12.63 -5.58 -7.70
N ALA A 296 -13.90 -5.23 -7.95
CA ALA A 296 -14.93 -5.30 -6.91
C ALA A 296 -15.14 -6.72 -6.38
N VAL A 297 -15.18 -7.72 -7.27
CA VAL A 297 -15.50 -9.08 -6.82
C VAL A 297 -14.38 -9.63 -5.94
N LEU A 298 -13.14 -9.21 -6.17
CA LEU A 298 -12.06 -9.68 -5.31
C LEU A 298 -12.17 -9.11 -3.91
N PHE A 299 -12.85 -7.99 -3.74
CA PHE A 299 -13.16 -7.49 -2.42
C PHE A 299 -14.39 -8.17 -1.84
N TYR A 300 -15.37 -8.48 -2.69
CA TYR A 300 -16.51 -9.28 -2.24
C TYR A 300 -16.04 -10.60 -1.64
N THR A 301 -15.17 -11.33 -2.34
CA THR A 301 -14.69 -12.59 -1.81
C THR A 301 -13.70 -12.38 -0.68
N GLY A 302 -12.96 -11.28 -0.70
CA GLY A 302 -11.88 -11.09 0.25
C GLY A 302 -10.56 -11.64 -0.23
N GLU A 303 -10.40 -11.86 -1.53
CA GLU A 303 -9.17 -12.43 -2.06
C GLU A 303 -8.06 -11.40 -2.18
N LEU A 304 -8.36 -10.11 -2.05
CA LEU A 304 -7.35 -9.06 -1.97
C LEU A 304 -7.28 -8.62 -0.52
N GLN A 305 -6.10 -8.70 0.06
CA GLN A 305 -5.90 -8.43 1.47
C GLN A 305 -4.71 -7.50 1.63
N SER A 306 -4.55 -6.96 2.83
CA SER A 306 -3.41 -6.11 3.12
C SER A 306 -2.90 -6.46 4.51
N ASP A 307 -1.58 -6.61 4.63
CA ASP A 307 -0.99 -6.83 5.95
C ASP A 307 -0.73 -5.52 6.67
N ASP A 308 -0.41 -4.48 5.93
CA ASP A 308 -0.17 -3.16 6.50
C ASP A 308 -1.49 -2.43 6.81
N PHE B 18 -2.98 -10.44 -3.07
CA PHE B 18 -3.88 -11.53 -3.46
C PHE B 18 -3.64 -12.82 -2.68
N GLN B 19 -4.72 -13.35 -2.12
CA GLN B 19 -4.67 -14.57 -1.31
C GLN B 19 -4.85 -15.79 -2.21
N HIS B 20 -3.79 -16.59 -2.33
CA HIS B 20 -3.84 -17.76 -3.20
C HIS B 20 -4.45 -18.97 -2.52
N MET B 21 -4.58 -18.94 -1.20
CA MET B 21 -5.24 -20.00 -0.47
C MET B 21 -6.66 -19.54 -0.21
N GLY B 22 -7.60 -20.10 -0.97
CA GLY B 22 -8.98 -19.64 -0.89
C GLY B 22 -9.59 -19.77 0.48
N LEU B 23 -9.13 -20.73 1.28
CA LEU B 23 -9.69 -20.89 2.61
C LEU B 23 -9.33 -19.73 3.53
N LEU B 24 -8.39 -18.88 3.10
CA LEU B 24 -7.96 -17.72 3.86
C LEU B 24 -8.63 -16.43 3.37
N SER B 25 -9.56 -16.52 2.43
CA SER B 25 -10.29 -15.35 1.94
C SER B 25 -11.05 -14.67 3.08
N THR B 26 -10.92 -13.34 3.16
CA THR B 26 -11.53 -12.59 4.26
C THR B 26 -13.01 -12.94 4.45
N ASN B 27 -13.75 -13.09 3.36
CA ASN B 27 -15.19 -13.34 3.42
C ASN B 27 -15.53 -14.77 3.01
N PHE B 28 -14.63 -15.70 3.31
CA PHE B 28 -14.81 -17.09 2.90
C PHE B 28 -16.11 -17.68 3.42
N ASP B 29 -16.39 -17.53 4.72
CA ASP B 29 -17.56 -18.18 5.29
C ASP B 29 -18.84 -17.65 4.66
N MET B 30 -18.88 -16.34 4.39
CA MET B 30 -20.01 -15.77 3.66
C MET B 30 -20.18 -16.45 2.30
N ILE B 31 -19.07 -16.62 1.58
CA ILE B 31 -19.09 -17.27 0.27
C ILE B 31 -19.65 -18.69 0.39
N GLN B 32 -19.07 -19.45 1.31
CA GLN B 32 -19.44 -20.84 1.53
C GLN B 32 -20.93 -21.02 1.81
N ALA B 33 -21.53 -20.07 2.51
CA ALA B 33 -22.96 -20.15 2.83
C ALA B 33 -23.87 -19.70 1.69
N LEU B 34 -23.33 -19.22 0.57
CA LEU B 34 -24.18 -18.69 -0.49
C LEU B 34 -24.92 -19.82 -1.19
N PRO B 35 -26.23 -19.68 -1.43
CA PRO B 35 -26.93 -20.62 -2.31
C PRO B 35 -26.18 -20.83 -3.62
N LEU B 36 -26.32 -22.03 -4.21
CA LEU B 36 -25.54 -22.37 -5.38
C LEU B 36 -25.81 -21.42 -6.55
N ASN B 37 -27.07 -21.03 -6.77
CA ASN B 37 -27.34 -20.15 -7.91
C ASN B 37 -26.65 -18.81 -7.74
N VAL B 38 -26.48 -18.38 -6.49
CA VAL B 38 -25.80 -17.13 -6.22
C VAL B 38 -24.29 -17.32 -6.34
N LYS B 39 -23.78 -18.46 -5.86
CA LYS B 39 -22.37 -18.80 -6.11
C LYS B 39 -22.05 -18.77 -7.59
N GLN B 40 -22.99 -19.19 -8.42
CA GLN B 40 -22.73 -19.22 -9.86
C GLN B 40 -22.72 -17.80 -10.41
N ARG B 41 -23.56 -16.91 -9.88
CA ARG B 41 -23.44 -15.50 -10.26
C ARG B 41 -22.05 -14.96 -9.88
N VAL B 42 -21.54 -15.35 -8.72
CA VAL B 42 -20.19 -14.92 -8.30
C VAL B 42 -19.13 -15.49 -9.25
N CYS B 43 -19.32 -16.73 -9.71
CA CYS B 43 -18.38 -17.31 -10.67
C CYS B 43 -18.35 -16.50 -11.95
N ALA B 44 -19.53 -16.04 -12.39
CA ALA B 44 -19.58 -15.18 -13.57
C ALA B 44 -18.82 -13.89 -13.34
N LEU B 45 -18.88 -13.38 -12.10
CA LEU B 45 -18.12 -12.17 -11.80
C LEU B 45 -16.63 -12.44 -11.84
N LYS B 46 -16.18 -13.62 -11.42
CA LYS B 46 -14.75 -13.96 -11.51
C LYS B 46 -14.30 -13.97 -12.97
N ASN B 47 -15.12 -14.56 -13.84
CA ASN B 47 -14.82 -14.60 -15.27
C ASN B 47 -14.73 -13.19 -15.86
N LEU B 48 -15.71 -12.34 -15.54
CA LEU B 48 -15.69 -10.97 -16.04
C LEU B 48 -14.47 -10.22 -15.51
N GLN B 49 -14.05 -10.53 -14.28
CA GLN B 49 -12.87 -9.88 -13.71
C GLN B 49 -11.62 -10.26 -14.48
N MET B 50 -11.55 -11.49 -14.99
CA MET B 50 -10.40 -11.82 -15.84
C MET B 50 -10.41 -10.98 -17.11
N LYS B 51 -11.60 -10.76 -17.68
CA LYS B 51 -11.65 -9.90 -18.87
C LYS B 51 -11.21 -8.46 -18.53
N THR B 52 -11.67 -7.96 -17.40
CA THR B 52 -11.28 -6.62 -16.95
C THR B 52 -9.77 -6.53 -16.81
N ILE B 53 -9.16 -7.54 -16.21
CA ILE B 53 -7.71 -7.53 -15.98
C ILE B 53 -6.95 -7.54 -17.31
N GLN B 54 -7.46 -8.27 -18.30
CA GLN B 54 -6.79 -8.23 -19.60
C GLN B 54 -6.83 -6.82 -20.20
N ILE B 55 -7.95 -6.12 -20.02
CA ILE B 55 -8.01 -4.75 -20.52
C ILE B 55 -7.05 -3.85 -19.74
N GLU B 56 -6.95 -4.07 -18.43
CA GLU B 56 -5.97 -3.35 -17.62
C GLU B 56 -4.54 -3.56 -18.15
N SER B 57 -4.21 -4.81 -18.51
CA SER B 57 -2.94 -5.11 -19.16
C SER B 57 -2.70 -4.19 -20.36
N ASP B 58 -3.69 -4.09 -21.23
CA ASP B 58 -3.49 -3.23 -22.41
C ASP B 58 -3.29 -1.77 -22.01
N PHE B 59 -3.96 -1.35 -20.94
CA PHE B 59 -3.76 0.01 -20.43
C PHE B 59 -2.31 0.22 -20.01
N TYR B 60 -1.72 -0.78 -19.31
CA TYR B 60 -0.35 -0.63 -18.85
C TYR B 60 0.64 -0.60 -20.02
N LYS B 61 0.36 -1.39 -21.06
CA LYS B 61 1.17 -1.31 -22.26
C LYS B 61 1.13 0.09 -22.86
N ARG B 62 -0.06 0.71 -22.88
CA ARG B 62 -0.16 2.08 -23.42
C ARG B 62 0.62 3.07 -22.56
N VAL B 63 0.55 2.92 -21.23
CA VAL B 63 1.33 3.79 -20.35
C VAL B 63 2.82 3.64 -20.63
N HIS B 64 3.26 2.41 -20.90
CA HIS B 64 4.66 2.17 -21.24
C HIS B 64 5.06 2.94 -22.48
N GLU B 65 4.20 2.92 -23.51
CA GLU B 65 4.51 3.67 -24.72
C GLU B 65 4.59 5.16 -24.44
N LEU B 66 3.77 5.66 -23.50
CA LEU B 66 3.84 7.06 -23.15
C LEU B 66 5.16 7.40 -22.47
N GLU B 67 5.59 6.54 -21.54
CA GLU B 67 6.88 6.73 -20.88
C GLU B 67 8.00 6.82 -21.91
N ILE B 68 7.98 5.93 -22.90
CA ILE B 68 8.98 6.00 -23.97
C ILE B 68 8.87 7.33 -24.72
N GLU B 69 7.66 7.72 -25.08
CA GLU B 69 7.44 8.92 -25.88
C GLU B 69 7.96 10.17 -25.19
N PHE B 70 7.93 10.22 -23.86
CA PHE B 70 8.32 11.41 -23.12
C PHE B 70 9.82 11.47 -22.84
N GLU B 71 10.55 10.42 -23.21
CA GLU B 71 12.00 10.36 -22.98
C GLU B 71 12.74 11.52 -23.64
N GLY B 72 12.36 11.90 -24.85
CA GLY B 72 13.06 13.01 -25.49
C GLY B 72 12.94 14.30 -24.71
N LYS B 73 11.78 14.55 -24.09
CA LYS B 73 11.60 15.76 -23.32
C LYS B 73 12.30 15.70 -21.96
N PHE B 74 12.28 14.52 -21.31
CA PHE B 74 12.95 14.37 -20.03
C PHE B 74 14.47 14.37 -20.21
N LYS B 75 14.93 13.76 -21.30
CA LYS B 75 16.37 13.58 -21.52
C LYS B 75 17.08 14.91 -21.59
N SER B 76 16.43 15.94 -22.14
CA SER B 76 17.06 17.25 -22.26
C SER B 76 17.35 17.84 -20.88
N THR B 77 16.34 17.86 -20.01
CA THR B 77 16.57 18.34 -18.65
C THR B 77 17.63 17.50 -17.96
N PHE B 78 17.70 16.21 -18.25
CA PHE B 78 18.69 15.36 -17.60
C PHE B 78 20.10 15.61 -18.14
N ASP B 79 20.22 15.83 -19.45
CA ASP B 79 21.51 16.17 -20.06
C ASP B 79 22.04 17.48 -19.50
N GLN B 80 21.16 18.46 -19.32
CA GLN B 80 21.62 19.72 -18.74
C GLN B 80 22.07 19.53 -17.30
N ARG B 81 21.36 18.66 -16.55
CA ARG B 81 21.79 18.38 -15.19
C ARG B 81 23.16 17.71 -15.17
N LYS B 82 23.39 16.74 -16.06
CA LYS B 82 24.70 16.10 -16.17
C LYS B 82 25.78 17.12 -16.46
N ALA B 83 25.52 18.04 -17.40
CA ALA B 83 26.52 19.03 -17.75
C ALA B 83 26.86 19.91 -16.55
N ILE B 84 25.83 20.29 -15.78
CA ILE B 84 26.07 21.08 -14.58
C ILE B 84 26.94 20.31 -13.59
N VAL B 85 26.62 19.02 -13.38
CA VAL B 85 27.32 18.24 -12.36
C VAL B 85 28.76 17.98 -12.76
N ALA B 86 29.01 17.77 -14.05
CA ALA B 86 30.37 17.49 -14.52
C ALA B 86 31.20 18.75 -14.70
N GLY B 87 30.64 19.92 -14.43
CA GLY B 87 31.38 21.15 -14.59
C GLY B 87 31.56 21.59 -16.02
N GLU B 88 30.79 21.01 -16.95
CA GLU B 88 30.95 21.32 -18.37
C GLU B 88 30.32 22.65 -18.75
N VAL B 89 29.32 23.11 -18.02
CA VAL B 89 28.72 24.42 -18.26
C VAL B 89 28.56 25.14 -16.93
N GLU B 90 28.54 26.49 -17.00
CA GLU B 90 28.35 27.27 -15.79
C GLU B 90 26.88 27.63 -15.63
N PRO B 91 26.41 27.75 -14.39
CA PRO B 91 25.03 28.17 -14.15
C PRO B 91 24.72 29.48 -14.88
N THR B 92 23.47 29.60 -15.33
CA THR B 92 22.99 30.83 -15.91
C THR B 92 22.49 31.76 -14.81
N LYS B 93 22.18 33.00 -15.19
CA LYS B 93 21.69 33.97 -14.21
C LYS B 93 20.37 33.51 -13.62
N GLU B 94 19.48 32.95 -14.47
CA GLU B 94 18.20 32.46 -13.99
C GLU B 94 18.39 31.35 -12.98
N GLN B 95 19.31 30.43 -13.28
CA GLN B 95 19.54 29.29 -12.41
C GLN B 95 20.10 29.72 -11.07
N ILE B 96 20.98 30.72 -11.05
CA ILE B 96 21.53 31.18 -9.79
C ILE B 96 20.47 31.87 -8.96
N ASP B 97 19.48 32.51 -9.61
CA ASP B 97 18.47 33.20 -8.82
C ASP B 97 17.43 32.24 -8.24
N THR B 98 17.49 30.96 -8.60
CA THR B 98 16.68 29.92 -7.95
C THR B 98 17.27 29.56 -6.59
N PRO B 99 16.48 29.55 -5.51
CA PRO B 99 17.01 29.20 -4.19
C PRO B 99 17.54 27.77 -4.13
N ILE B 100 18.67 27.60 -3.42
CA ILE B 100 19.25 26.28 -3.23
C ILE B 100 18.31 25.37 -2.45
N LEU B 101 17.60 25.93 -1.48
CA LEU B 101 16.58 25.23 -0.74
C LEU B 101 15.31 26.07 -0.70
N GLU B 102 14.21 25.36 -0.72
CA GLU B 102 12.82 25.79 -0.61
C GLU B 102 12.55 26.09 0.84
N GLY B 103 11.56 26.93 1.10
CA GLY B 103 11.26 27.17 2.49
C GLY B 103 12.37 27.87 3.22
N LEU B 104 13.12 28.68 2.50
CA LEU B 104 14.24 29.43 3.04
C LEU B 104 13.93 30.89 2.82
N GLU B 105 14.21 31.70 3.83
CA GLU B 105 13.97 33.11 3.72
C GLU B 105 15.08 33.83 2.99
N GLY B 106 14.97 35.15 2.94
CA GLY B 106 15.98 35.93 2.26
C GLY B 106 17.19 36.00 3.16
N ASP B 107 16.95 36.04 4.48
CA ASP B 107 18.01 36.15 5.47
C ASP B 107 18.71 34.82 5.76
N GLN B 108 17.95 33.73 5.90
CA GLN B 108 18.60 32.43 6.08
C GLN B 108 19.32 32.07 4.80
N LEU B 109 18.69 32.35 3.67
CA LEU B 109 19.26 32.05 2.38
C LEU B 109 20.53 32.85 2.15
N ALA B 110 20.54 34.12 2.57
CA ALA B 110 21.73 34.93 2.37
C ALA B 110 22.86 34.42 3.24
N GLU B 111 22.54 33.99 4.47
CA GLU B 111 23.58 33.45 5.34
C GLU B 111 24.16 32.17 4.75
N LEU B 112 23.27 31.29 4.28
CA LEU B 112 23.72 30.05 3.63
C LEU B 112 24.71 30.35 2.53
N TYR B 113 24.38 31.28 1.62
CA TYR B 113 25.33 31.58 0.55
C TYR B 113 26.60 32.23 1.08
N LYS B 114 26.57 32.78 2.30
CA LYS B 114 27.76 33.46 2.81
C LYS B 114 28.52 32.61 3.80
N ALA B 115 28.16 31.34 3.93
CA ALA B 115 28.78 30.46 4.91
C ALA B 115 30.04 29.79 4.40
N ALA B 116 30.31 29.83 3.10
CA ALA B 116 31.54 29.27 2.55
C ALA B 116 31.84 29.94 1.22
N GLU B 117 33.06 30.44 1.08
CA GLU B 117 33.43 31.24 -0.08
C GLU B 117 33.65 30.37 -1.31
N ALA B 118 33.48 30.98 -2.49
CA ALA B 118 33.71 30.29 -3.74
C ALA B 118 35.10 29.67 -3.77
N ASP B 119 35.21 28.55 -4.47
CA ASP B 119 36.43 27.74 -4.47
C ASP B 119 36.65 27.21 -5.89
N PRO B 120 37.53 27.85 -6.67
CA PRO B 120 37.69 27.44 -8.08
C PRO B 120 38.32 26.07 -8.29
N SER B 121 39.02 25.52 -7.29
CA SER B 121 39.52 24.16 -7.43
C SER B 121 38.40 23.14 -7.46
N ALA B 122 37.21 23.50 -7.00
CA ALA B 122 36.05 22.61 -6.97
C ALA B 122 35.31 22.72 -8.29
N LYS B 123 35.57 21.76 -9.18
CA LYS B 123 34.80 21.62 -10.41
C LYS B 123 33.51 20.85 -10.14
N GLY B 124 32.41 21.31 -10.73
CA GLY B 124 31.15 20.59 -10.67
C GLY B 124 30.62 20.37 -9.24
N ILE B 125 29.89 19.27 -9.08
CA ILE B 125 29.25 18.92 -7.80
C ILE B 125 29.81 17.56 -7.39
N LYS B 126 30.88 17.57 -6.60
CA LYS B 126 31.46 16.35 -6.04
C LYS B 126 30.38 15.46 -5.44
N ASP B 127 30.45 14.17 -5.74
CA ASP B 127 29.68 13.13 -5.05
C ASP B 127 28.17 13.34 -5.17
N PHE B 128 27.71 13.92 -6.26
CA PHE B 128 26.28 14.13 -6.47
C PHE B 128 25.50 12.82 -6.39
N TRP B 129 25.76 11.93 -7.36
CA TRP B 129 24.98 10.70 -7.47
C TRP B 129 25.19 9.79 -6.26
N LEU B 130 26.42 9.73 -5.73
CA LEU B 130 26.66 8.99 -4.49
C LEU B 130 25.73 9.47 -3.38
N THR B 131 25.64 10.79 -3.19
CA THR B 131 24.83 11.34 -2.10
C THR B 131 23.34 11.08 -2.35
N ALA B 132 22.89 11.27 -3.60
CA ALA B 132 21.48 11.05 -3.90
C ALA B 132 21.10 9.60 -3.70
N LEU B 133 21.95 8.68 -4.16
CA LEU B 133 21.67 7.25 -4.01
C LEU B 133 21.68 6.86 -2.55
N ARG B 134 22.63 7.37 -1.77
CA ARG B 134 22.72 6.99 -0.36
C ARG B 134 21.65 7.65 0.49
N THR B 135 20.96 8.68 -0.02
CA THR B 135 19.88 9.30 0.74
C THR B 135 18.56 8.54 0.60
N HIS B 136 18.41 7.73 -0.45
CA HIS B 136 17.27 6.80 -0.55
C HIS B 136 17.51 5.63 0.40
N ASP B 137 16.51 5.32 1.23
CA ASP B 137 16.76 4.38 2.31
C ASP B 137 17.04 2.98 1.79
N LEU B 138 16.25 2.55 0.79
CA LEU B 138 16.42 1.20 0.26
C LEU B 138 17.75 1.04 -0.46
N VAL B 139 18.11 2.02 -1.30
CA VAL B 139 19.36 1.90 -2.05
C VAL B 139 20.53 2.11 -1.13
N ALA B 140 20.37 2.95 -0.11
CA ALA B 140 21.41 3.10 0.90
C ALA B 140 21.63 1.80 1.65
N GLU B 141 20.60 0.93 1.78
CA GLU B 141 20.84 -0.33 2.48
C GLU B 141 21.72 -1.25 1.64
N ALA B 142 21.87 -0.99 0.33
CA ALA B 142 22.66 -1.86 -0.55
C ALA B 142 24.08 -1.36 -0.78
N ILE B 143 24.38 -0.16 -0.31
CA ILE B 143 25.70 0.45 -0.46
C ILE B 143 26.51 0.14 0.78
N GLU B 144 27.65 -0.52 0.60
CA GLU B 144 28.55 -0.81 1.69
C GLU B 144 29.68 0.21 1.73
N GLU B 145 30.43 0.22 2.83
CA GLU B 145 31.44 1.26 3.02
C GLU B 145 32.52 1.22 1.95
N HIS B 146 32.88 0.02 1.48
CA HIS B 146 33.90 -0.05 0.44
C HIS B 146 33.34 0.29 -0.94
N ASP B 147 32.01 0.40 -1.06
CA ASP B 147 31.39 0.88 -2.28
C ASP B 147 31.46 2.39 -2.43
N VAL B 148 31.55 3.13 -1.32
CA VAL B 148 31.41 4.59 -1.38
C VAL B 148 32.45 5.24 -2.27
N PRO B 149 33.76 4.97 -2.13
CA PRO B 149 34.73 5.63 -3.02
C PRO B 149 34.57 5.27 -4.49
N ILE B 150 34.03 4.08 -4.79
CA ILE B 150 33.81 3.72 -6.19
C ILE B 150 32.65 4.52 -6.76
N LEU B 151 31.55 4.61 -6.01
CA LEU B 151 30.39 5.36 -6.46
C LEU B 151 30.69 6.85 -6.53
N SER B 152 31.74 7.30 -5.84
CA SER B 152 32.17 8.68 -5.98
C SER B 152 32.52 9.03 -7.42
N TYR B 153 32.87 8.04 -8.24
CA TYR B 153 33.25 8.26 -9.63
C TYR B 153 32.05 8.28 -10.58
N LEU B 154 30.84 8.24 -10.05
CA LEU B 154 29.63 8.18 -10.86
C LEU B 154 29.28 9.56 -11.38
N THR B 155 29.28 9.73 -12.71
CA THR B 155 29.00 11.03 -13.34
C THR B 155 27.57 11.16 -13.84
N ASP B 156 26.84 10.06 -14.00
CA ASP B 156 25.45 10.12 -14.45
C ASP B 156 24.81 8.77 -14.20
N VAL B 157 23.49 8.79 -13.97
CA VAL B 157 22.65 7.60 -13.99
C VAL B 157 21.46 7.90 -14.89
N THR B 158 21.25 7.05 -15.88
CA THR B 158 20.23 7.27 -16.90
C THR B 158 19.41 5.99 -17.03
N THR B 159 18.17 6.16 -17.48
CA THR B 159 17.28 5.04 -17.72
C THR B 159 16.56 5.25 -19.04
N ALA B 160 16.27 4.16 -19.73
CA ALA B 160 15.51 4.21 -20.96
C ALA B 160 14.67 2.95 -21.06
N ALA B 161 13.53 3.06 -21.74
CA ALA B 161 12.58 1.96 -21.84
C ALA B 161 12.48 1.49 -23.27
N SER B 162 12.16 0.21 -23.44
CA SER B 162 11.93 -0.38 -24.75
C SER B 162 10.58 -1.09 -24.72
N LYS B 163 10.05 -1.33 -25.93
CA LYS B 163 8.74 -1.93 -26.11
C LYS B 163 8.79 -3.36 -26.59
N ASP B 164 9.84 -3.72 -27.32
CA ASP B 164 10.08 -5.08 -27.79
C ASP B 164 11.59 -5.27 -27.91
N PRO B 165 12.22 -6.03 -27.00
CA PRO B 165 11.48 -6.70 -25.93
C PRO B 165 11.10 -5.72 -24.82
N ALA B 166 10.02 -5.99 -24.10
CA ALA B 166 9.46 -5.02 -23.19
C ALA B 166 10.31 -4.92 -21.93
N GLY B 167 10.58 -3.69 -21.50
CA GLY B 167 11.26 -3.51 -20.23
C GLY B 167 12.00 -2.18 -20.21
N PHE B 168 13.07 -2.16 -19.42
CA PHE B 168 13.85 -0.93 -19.33
C PHE B 168 15.27 -1.28 -18.92
N LYS B 169 16.13 -0.28 -18.99
CA LYS B 169 17.51 -0.41 -18.55
C LYS B 169 17.89 0.81 -17.74
N ILE B 170 18.86 0.63 -16.86
CA ILE B 170 19.50 1.70 -16.13
C ILE B 170 20.99 1.65 -16.49
N GLU B 171 21.57 2.81 -16.76
CA GLU B 171 22.97 2.89 -17.14
C GLU B 171 23.70 3.77 -16.14
N PHE B 172 24.76 3.24 -15.56
CA PHE B 172 25.59 3.96 -14.61
C PHE B 172 26.85 4.36 -15.35
N HIS B 173 27.09 5.66 -15.43
CA HIS B 173 28.18 6.23 -16.20
C HIS B 173 29.30 6.59 -15.24
N PHE B 174 30.48 5.98 -15.42
CA PHE B 174 31.59 6.17 -14.52
C PHE B 174 32.74 6.89 -15.21
N ALA B 175 33.27 7.91 -14.55
CA ALA B 175 34.54 8.51 -14.97
C ALA B 175 35.67 7.50 -14.78
N THR B 176 36.80 7.76 -15.43
CA THR B 176 37.97 6.90 -15.30
C THR B 176 38.33 6.73 -13.83
N ASN B 177 38.56 5.50 -13.40
CA ASN B 177 38.63 5.20 -11.99
C ASN B 177 39.50 3.98 -11.76
N PRO B 178 40.15 3.87 -10.60
CA PRO B 178 41.07 2.74 -10.34
C PRO B 178 40.38 1.43 -9.99
N TYR B 179 39.05 1.40 -9.93
CA TYR B 179 38.39 0.18 -9.51
C TYR B 179 38.07 -0.73 -10.69
N PHE B 180 37.59 -0.17 -11.80
CA PHE B 180 37.29 -0.97 -12.98
C PHE B 180 37.37 -0.08 -14.22
N LYS B 181 37.43 -0.74 -15.38
CA LYS B 181 37.69 -0.05 -16.63
C LYS B 181 36.44 0.42 -17.34
N ASN B 182 35.28 -0.15 -17.01
CA ASN B 182 34.05 0.19 -17.73
C ASN B 182 33.71 1.66 -17.56
N GLN B 183 33.22 2.26 -18.65
CA GLN B 183 32.67 3.61 -18.58
C GLN B 183 31.18 3.59 -18.25
N VAL B 184 30.47 2.57 -18.71
CA VAL B 184 29.04 2.43 -18.46
C VAL B 184 28.77 1.00 -17.99
N LEU B 185 28.14 0.86 -16.83
CA LEU B 185 27.60 -0.41 -16.36
C LEU B 185 26.09 -0.40 -16.54
N THR B 186 25.54 -1.45 -17.13
CA THR B 186 24.13 -1.44 -17.54
C THR B 186 23.37 -2.56 -16.86
N LYS B 187 22.18 -2.23 -16.36
CA LYS B 187 21.22 -3.18 -15.82
C LYS B 187 19.99 -3.17 -16.71
N THR B 188 19.48 -4.36 -17.05
CA THR B 188 18.37 -4.48 -17.98
C THR B 188 17.31 -5.37 -17.36
N TYR B 189 16.05 -4.94 -17.42
CA TYR B 189 14.92 -5.72 -16.95
C TYR B 189 14.00 -6.03 -18.13
N LEU B 190 13.67 -7.31 -18.27
CA LEU B 190 12.68 -7.81 -19.20
C LEU B 190 11.41 -8.04 -18.39
N LEU B 191 10.35 -7.34 -18.77
CA LEU B 191 9.08 -7.27 -18.07
C LEU B 191 8.00 -7.98 -18.87
N GLY B 192 7.12 -8.67 -18.17
CA GLY B 192 5.89 -9.19 -18.76
C GLY B 192 4.75 -8.22 -18.51
N PHE B 193 4.04 -7.89 -19.58
CA PHE B 193 2.92 -6.97 -19.50
C PHE B 193 1.56 -7.66 -19.57
N ASP B 194 1.53 -9.01 -19.66
CA ASP B 194 0.29 -9.76 -19.72
C ASP B 194 0.00 -10.50 -18.41
N PRO B 195 -1.27 -10.73 -18.08
CA PRO B 195 -1.60 -11.59 -16.94
C PRO B 195 -1.16 -13.02 -17.20
N ASP B 196 -0.59 -13.66 -16.18
CA ASP B 196 -0.35 -15.09 -16.28
C ASP B 196 -1.70 -15.79 -16.42
N ALA B 197 -1.83 -16.67 -17.42
CA ALA B 197 -3.13 -17.31 -17.62
C ALA B 197 -3.38 -18.43 -16.64
N GLU B 198 -2.32 -18.97 -16.04
CA GLU B 198 -2.47 -19.93 -14.95
C GLU B 198 -3.01 -19.25 -13.70
N ALA B 199 -2.75 -17.95 -13.53
CA ALA B 199 -3.21 -17.20 -12.36
C ALA B 199 -3.52 -15.77 -12.77
N PRO B 200 -4.59 -15.57 -13.54
CA PRO B 200 -4.87 -14.22 -14.08
C PRO B 200 -5.25 -13.18 -13.04
N LEU B 201 -6.01 -13.55 -12.01
CA LEU B 201 -6.61 -12.58 -11.11
C LEU B 201 -5.61 -11.79 -10.29
N GLN B 202 -4.35 -12.20 -10.25
CA GLN B 202 -3.36 -11.52 -9.42
C GLN B 202 -2.65 -10.38 -10.16
N PHE B 203 -2.91 -10.19 -11.44
CA PHE B 203 -2.26 -9.14 -12.22
C PHE B 203 -2.52 -7.76 -11.63
N ASP B 204 -1.45 -6.98 -11.44
CA ASP B 204 -1.56 -5.59 -11.03
C ASP B 204 -0.51 -4.72 -11.71
N GLY B 205 -0.17 -5.05 -12.96
CA GLY B 205 0.81 -4.30 -13.71
C GLY B 205 1.95 -5.18 -14.21
N PRO B 206 2.97 -4.55 -14.80
CA PRO B 206 4.10 -5.33 -15.32
C PRO B 206 4.84 -6.07 -14.22
N HIS B 207 5.22 -7.31 -14.54
CA HIS B 207 5.99 -8.17 -13.66
C HIS B 207 7.33 -8.48 -14.31
N VAL B 208 8.35 -8.73 -13.50
CA VAL B 208 9.70 -8.92 -13.98
C VAL B 208 9.89 -10.37 -14.41
N ILE B 209 10.39 -10.57 -15.63
CA ILE B 209 10.76 -11.90 -16.12
C ILE B 209 12.22 -12.13 -15.80
N ARG B 210 13.07 -11.22 -16.28
CA ARG B 210 14.50 -11.46 -16.18
C ARG B 210 15.25 -10.17 -15.90
N ALA B 211 16.27 -10.25 -15.07
CA ALA B 211 17.24 -9.18 -14.90
C ALA B 211 18.57 -9.63 -15.50
N VAL B 212 19.19 -8.74 -16.27
CA VAL B 212 20.48 -8.99 -16.89
C VAL B 212 21.41 -7.88 -16.47
N GLY B 213 22.59 -8.25 -15.98
CA GLY B 213 23.55 -7.30 -15.50
C GLY B 213 24.65 -7.03 -16.51
N ASP B 214 25.84 -6.75 -16.00
CA ASP B 214 26.97 -6.38 -16.85
C ASP B 214 28.24 -6.94 -16.22
N THR B 215 29.15 -7.40 -17.06
CA THR B 215 30.45 -7.86 -16.60
C THR B 215 31.32 -6.66 -16.26
N ILE B 216 31.81 -6.61 -15.02
CA ILE B 216 32.68 -5.54 -14.55
C ILE B 216 34.14 -5.96 -14.70
N GLU B 217 34.93 -5.11 -15.36
CA GLU B 217 36.35 -5.39 -15.59
C GLU B 217 37.17 -4.80 -14.45
N TRP B 218 37.26 -5.57 -13.37
CA TRP B 218 37.95 -5.12 -12.17
C TRP B 218 39.45 -5.09 -12.38
N GLU B 219 40.10 -4.03 -11.88
CA GLU B 219 41.55 -4.02 -11.79
C GLU B 219 42.01 -5.00 -10.71
N ASP B 220 43.29 -5.34 -10.74
CA ASP B 220 43.80 -6.35 -9.81
C ASP B 220 43.61 -5.88 -8.37
N GLY B 221 43.02 -6.75 -7.56
CA GLY B 221 42.89 -6.50 -6.13
C GLY B 221 41.76 -5.58 -5.73
N LYS B 222 40.88 -5.20 -6.66
CA LYS B 222 39.91 -4.15 -6.42
C LYS B 222 38.46 -4.63 -6.33
N ASN B 223 38.18 -5.89 -6.64
CA ASN B 223 36.80 -6.36 -6.77
C ASN B 223 36.18 -6.47 -5.38
N VAL B 224 35.41 -5.44 -5.01
CA VAL B 224 34.76 -5.39 -3.70
C VAL B 224 33.59 -6.35 -3.58
N THR B 225 33.18 -7.02 -4.66
CA THR B 225 32.14 -8.04 -4.55
C THR B 225 32.70 -9.38 -4.11
N LYS B 226 34.00 -9.44 -3.84
CA LYS B 226 34.70 -10.67 -3.52
C LYS B 226 35.50 -10.46 -2.24
N LYS B 227 35.51 -11.47 -1.39
CA LYS B 227 36.34 -11.47 -0.19
C LYS B 227 36.90 -12.87 -0.03
N ALA B 228 38.00 -12.97 0.72
CA ALA B 228 38.62 -14.24 1.03
C ALA B 228 38.28 -14.64 2.47
N VAL B 229 37.60 -15.78 2.62
CA VAL B 229 37.19 -16.26 3.93
C VAL B 229 37.27 -17.78 4.00
N THR B 246 38.13 -17.43 -2.19
CA THR B 246 37.33 -16.22 -2.18
C THR B 246 35.85 -16.51 -2.41
N VAL B 247 34.98 -15.84 -1.65
CA VAL B 247 33.54 -16.01 -1.72
C VAL B 247 32.88 -14.65 -1.95
N LYS B 248 31.56 -14.67 -2.15
CA LYS B 248 30.81 -13.45 -2.45
C LYS B 248 30.66 -12.55 -1.23
N ALA B 249 30.92 -11.25 -1.43
CA ALA B 249 30.78 -10.20 -0.43
C ALA B 249 29.53 -9.36 -0.69
N ASP B 250 29.14 -8.59 0.33
CA ASP B 250 28.06 -7.62 0.19
C ASP B 250 28.55 -6.39 -0.55
N SER B 251 27.82 -5.98 -1.59
CA SER B 251 28.23 -4.84 -2.38
C SER B 251 27.09 -4.38 -3.27
N PHE B 252 26.90 -3.06 -3.35
CA PHE B 252 26.01 -2.48 -4.34
C PHE B 252 26.25 -3.06 -5.73
N PHE B 253 27.51 -3.35 -6.04
CA PHE B 253 27.85 -3.79 -7.39
C PHE B 253 27.41 -5.22 -7.69
N ASN B 254 26.95 -5.96 -6.68
CA ASN B 254 26.24 -7.20 -6.96
C ASN B 254 24.93 -6.93 -7.69
N PHE B 255 24.51 -5.67 -7.75
CA PHE B 255 23.41 -5.26 -8.61
C PHE B 255 23.65 -5.69 -10.06
N PHE B 256 24.91 -5.82 -10.46
CA PHE B 256 25.23 -6.09 -11.85
C PHE B 256 25.50 -7.56 -12.13
N GLU B 257 25.40 -8.43 -11.13
CA GLU B 257 25.33 -9.88 -11.30
C GLU B 257 24.03 -10.33 -10.64
N PRO B 258 22.89 -10.03 -11.28
CA PRO B 258 21.59 -10.22 -10.63
C PRO B 258 21.22 -11.69 -10.49
N PRO B 259 20.26 -12.01 -9.61
CA PRO B 259 19.77 -13.38 -9.52
C PRO B 259 19.28 -13.88 -10.87
N LYS B 260 19.55 -15.15 -11.13
CA LYS B 260 19.00 -15.79 -12.32
C LYS B 260 17.51 -16.02 -12.13
N SER B 261 16.80 -16.06 -13.25
CA SER B 261 15.38 -16.35 -13.21
C SER B 261 15.22 -17.82 -13.56
N LYS B 262 14.01 -18.35 -13.36
CA LYS B 262 13.72 -19.77 -13.38
C LYS B 262 14.57 -20.64 -14.32
N ASP B 263 14.61 -20.32 -15.61
CA ASP B 263 15.26 -21.18 -16.60
C ASP B 263 16.79 -21.31 -16.46
N GLU B 264 17.48 -20.52 -15.65
CA GLU B 264 18.95 -20.51 -15.69
C GLU B 264 19.58 -20.79 -14.33
N ARG B 265 19.07 -21.78 -13.61
CA ARG B 265 19.63 -22.08 -12.29
C ARG B 265 20.45 -23.38 -12.28
N GLU B 272 12.52 -20.84 -4.81
CA GLU B 272 11.60 -19.75 -4.46
C GLU B 272 12.33 -18.57 -3.84
N GLN B 273 13.47 -18.84 -3.20
CA GLN B 273 14.23 -17.77 -2.59
C GLN B 273 14.92 -16.91 -3.65
N ALA B 274 15.28 -17.52 -4.79
CA ALA B 274 15.82 -16.73 -5.89
C ALA B 274 14.76 -15.91 -6.59
N GLU B 275 13.47 -16.23 -6.39
CA GLU B 275 12.41 -15.37 -6.92
C GLU B 275 12.15 -14.21 -5.98
N GLU B 276 12.34 -14.41 -4.68
CA GLU B 276 12.20 -13.30 -3.75
C GLU B 276 13.39 -12.37 -3.86
N PHE B 277 14.58 -12.93 -4.04
CA PHE B 277 15.76 -12.10 -4.30
C PHE B 277 15.61 -11.34 -5.62
N LEU B 278 15.03 -11.98 -6.64
CA LEU B 278 14.83 -11.31 -7.92
C LEU B 278 13.82 -10.17 -7.80
N GLU B 279 12.75 -10.37 -7.04
CA GLU B 279 11.78 -9.30 -6.83
C GLU B 279 12.43 -8.13 -6.12
N LEU B 280 13.27 -8.40 -5.12
CA LEU B 280 13.96 -7.33 -4.42
C LEU B 280 14.87 -6.55 -5.36
N ASP B 281 15.48 -7.25 -6.32
CA ASP B 281 16.34 -6.61 -7.30
C ASP B 281 15.54 -5.71 -8.24
N TYR B 282 14.36 -6.18 -8.66
CA TYR B 282 13.51 -5.37 -9.54
C TYR B 282 12.99 -4.13 -8.82
N GLU B 283 12.64 -4.27 -7.54
CA GLU B 283 12.17 -3.11 -6.78
C GLU B 283 13.26 -2.06 -6.64
N MET B 284 14.52 -2.49 -6.49
CA MET B 284 15.61 -1.52 -6.46
C MET B 284 15.77 -0.83 -7.80
N GLY B 285 15.68 -1.61 -8.89
CA GLY B 285 15.58 -1.01 -10.22
C GLY B 285 14.52 0.07 -10.29
N GLN B 286 13.30 -0.25 -9.85
CA GLN B 286 12.21 0.72 -9.92
C GLN B 286 12.51 1.95 -9.09
N ALA B 287 13.09 1.78 -7.89
CA ALA B 287 13.43 2.92 -7.07
C ALA B 287 14.33 3.90 -7.83
N ILE B 288 15.38 3.38 -8.46
CA ILE B 288 16.33 4.23 -9.18
C ILE B 288 15.65 4.86 -10.39
N ARG B 289 14.93 4.05 -11.18
CA ARG B 289 14.33 4.53 -12.41
C ARG B 289 13.18 5.51 -12.15
N ASP B 290 12.23 5.12 -11.30
CA ASP B 290 10.97 5.87 -11.16
C ASP B 290 11.11 7.06 -10.24
N THR B 291 11.92 6.92 -9.19
CA THR B 291 11.97 7.86 -8.08
C THR B 291 13.23 8.69 -8.05
N ILE B 292 14.40 8.05 -8.08
CA ILE B 292 15.66 8.76 -7.82
C ILE B 292 16.11 9.56 -9.03
N ILE B 293 16.12 8.94 -10.21
CA ILE B 293 16.62 9.62 -11.41
C ILE B 293 15.79 10.87 -11.73
N PRO B 294 14.45 10.84 -11.71
CA PRO B 294 13.69 12.07 -11.99
C PRO B 294 13.84 13.16 -10.94
N ARG B 295 14.22 12.83 -9.70
CA ARG B 295 14.24 13.81 -8.62
C ARG B 295 15.58 13.79 -7.89
N ALA B 296 16.66 13.59 -8.64
CA ALA B 296 17.96 13.30 -8.02
C ALA B 296 18.42 14.43 -7.11
N VAL B 297 18.25 15.68 -7.53
CA VAL B 297 18.77 16.78 -6.71
C VAL B 297 18.03 16.84 -5.39
N LEU B 298 16.74 16.47 -5.38
CA LEU B 298 15.99 16.48 -4.13
C LEU B 298 16.47 15.40 -3.18
N PHE B 299 17.10 14.36 -3.72
CA PHE B 299 17.77 13.37 -2.87
C PHE B 299 19.14 13.86 -2.46
N TYR B 300 19.82 14.60 -3.34
CA TYR B 300 21.09 15.25 -2.98
C TYR B 300 20.92 16.15 -1.75
N THR B 301 19.89 17.00 -1.77
CA THR B 301 19.68 17.94 -0.67
C THR B 301 19.14 17.26 0.58
N GLY B 302 18.39 16.16 0.41
CA GLY B 302 17.70 15.55 1.53
C GLY B 302 16.32 16.08 1.76
N GLU B 303 15.74 16.76 0.77
CA GLU B 303 14.41 17.34 0.89
C GLU B 303 13.32 16.31 0.68
N LEU B 304 13.65 15.12 0.21
CA LEU B 304 12.70 14.02 0.05
C LEU B 304 12.94 12.98 1.13
N GLN B 305 11.91 12.72 1.93
CA GLN B 305 12.02 11.81 3.07
C GLN B 305 10.85 10.82 3.09
N LYS C 4 -16.88 -8.09 13.07
CA LYS C 4 -15.89 -9.16 13.09
C LYS C 4 -14.81 -8.93 12.04
N GLU C 5 -13.54 -8.83 12.45
CA GLU C 5 -12.48 -8.89 11.47
C GLU C 5 -12.07 -10.35 11.24
N SER C 6 -11.18 -10.57 10.28
CA SER C 6 -10.68 -11.87 9.91
C SER C 6 -9.18 -11.86 10.16
N TYR C 7 -8.70 -12.91 10.83
CA TYR C 7 -7.31 -13.10 11.21
C TYR C 7 -6.79 -14.38 10.60
N SER C 8 -7.54 -14.97 9.65
CA SER C 8 -7.27 -16.32 9.17
C SER C 8 -5.85 -16.48 8.66
N VAL C 9 -5.34 -15.48 7.94
CA VAL C 9 -3.98 -15.56 7.43
C VAL C 9 -2.97 -15.57 8.57
N TYR C 10 -3.20 -14.72 9.57
CA TYR C 10 -2.32 -14.67 10.73
C TYR C 10 -2.42 -15.93 11.56
N ILE C 11 -3.65 -16.45 11.73
CA ILE C 11 -3.85 -17.72 12.42
C ILE C 11 -3.10 -18.84 11.71
N TYR C 12 -3.18 -18.87 10.38
CA TYR C 12 -2.49 -19.88 9.60
C TYR C 12 -0.98 -19.76 9.72
N ARG C 13 -0.46 -18.53 9.71
CA ARG C 13 0.99 -18.34 9.86
C ARG C 13 1.47 -18.83 11.22
N VAL C 14 0.70 -18.54 12.27
CA VAL C 14 1.05 -19.01 13.62
C VAL C 14 1.03 -20.53 13.68
N LEU C 15 -0.03 -21.12 13.11
CA LEU C 15 -0.12 -22.58 13.00
C LEU C 15 1.13 -23.15 12.36
N LYS C 16 1.54 -22.58 11.23
CA LYS C 16 2.67 -23.10 10.48
C LYS C 16 4.00 -22.86 11.19
N GLN C 17 4.05 -21.94 12.14
CA GLN C 17 5.22 -21.89 13.02
C GLN C 17 5.23 -23.06 13.98
N VAL C 18 4.15 -23.23 14.75
CA VAL C 18 4.19 -24.21 15.83
C VAL C 18 3.91 -25.65 15.37
N HIS C 19 3.23 -25.82 14.24
CA HIS C 19 2.98 -27.15 13.66
C HIS C 19 3.15 -27.03 12.15
N PRO C 20 4.40 -27.04 11.67
CA PRO C 20 4.63 -26.85 10.22
C PRO C 20 3.87 -27.83 9.32
N ASP C 21 3.74 -29.08 9.73
CA ASP C 21 3.13 -30.11 8.89
C ASP C 21 1.60 -30.10 8.94
N THR C 22 1.00 -29.35 9.87
CA THR C 22 -0.41 -29.51 10.24
C THR C 22 -1.29 -28.44 9.60
N GLY C 23 -2.48 -28.86 9.15
CA GLY C 23 -3.46 -27.96 8.58
C GLY C 23 -4.63 -27.73 9.51
N VAL C 24 -5.58 -26.92 9.03
CA VAL C 24 -6.74 -26.54 9.82
C VAL C 24 -7.95 -26.39 8.90
N SER C 25 -9.09 -26.90 9.35
CA SER C 25 -10.31 -26.91 8.57
C SER C 25 -11.00 -25.55 8.63
N SER C 26 -11.99 -25.38 7.75
CA SER C 26 -12.74 -24.13 7.70
C SER C 26 -13.54 -23.90 8.98
N LYS C 27 -14.12 -24.98 9.54
CA LYS C 27 -14.87 -24.83 10.77
C LYS C 27 -13.97 -24.41 11.93
N ALA C 28 -12.80 -25.05 12.04
CA ALA C 28 -11.85 -24.67 13.07
C ALA C 28 -11.32 -23.27 12.86
N MET C 29 -11.08 -22.88 11.60
CA MET C 29 -10.63 -21.53 11.32
C MET C 29 -11.66 -20.49 11.72
N SER C 30 -12.94 -20.76 11.41
CA SER C 30 -14.03 -19.87 11.82
C SER C 30 -14.02 -19.69 13.33
N ILE C 31 -13.90 -20.81 14.05
CA ILE C 31 -13.88 -20.76 15.50
C ILE C 31 -12.70 -19.93 16.01
N MET C 32 -11.51 -20.13 15.42
CA MET C 32 -10.34 -19.36 15.84
C MET C 32 -10.54 -17.87 15.60
N ASN C 33 -11.16 -17.51 14.48
CA ASN C 33 -11.45 -16.11 14.22
C ASN C 33 -12.37 -15.54 15.28
N SER C 34 -13.41 -16.29 15.65
CA SER C 34 -14.29 -15.86 16.73
C SER C 34 -13.50 -15.67 18.02
N PHE C 35 -12.63 -16.62 18.35
CA PHE C 35 -11.83 -16.53 19.56
C PHE C 35 -11.02 -15.24 19.60
N VAL C 36 -10.27 -14.97 18.53
CA VAL C 36 -9.39 -13.82 18.50
C VAL C 36 -10.18 -12.52 18.59
N ASN C 37 -11.28 -12.42 17.83
CA ASN C 37 -12.08 -11.20 17.88
C ASN C 37 -12.77 -11.02 19.23
N ASP C 38 -13.30 -12.10 19.79
CA ASP C 38 -14.03 -12.00 21.05
C ASP C 38 -13.11 -11.67 22.21
N VAL C 39 -11.84 -12.07 22.14
CA VAL C 39 -10.89 -11.66 23.17
C VAL C 39 -10.45 -10.21 22.96
N PHE C 40 -10.16 -9.85 21.70
CA PHE C 40 -9.71 -8.50 21.40
C PHE C 40 -10.76 -7.46 21.79
N GLU C 41 -12.04 -7.77 21.57
CA GLU C 41 -13.08 -6.82 21.96
C GLU C 41 -13.17 -6.62 23.48
N ARG C 42 -12.89 -7.66 24.28
CA ARG C 42 -12.86 -7.50 25.73
C ARG C 42 -11.67 -6.65 26.16
N ILE C 43 -10.48 -6.96 25.61
CA ILE C 43 -9.27 -6.22 25.95
C ILE C 43 -9.44 -4.74 25.63
N ALA C 44 -9.98 -4.44 24.44
CA ALA C 44 -10.16 -3.06 24.03
C ALA C 44 -11.29 -2.37 24.80
N ALA C 45 -12.35 -3.10 25.16
CA ALA C 45 -13.39 -2.51 25.99
C ALA C 45 -12.81 -2.04 27.32
N GLU C 46 -11.82 -2.76 27.85
CA GLU C 46 -11.20 -2.27 29.08
C GLU C 46 -10.25 -1.10 28.82
N ALA C 47 -9.54 -1.13 27.68
CA ALA C 47 -8.59 -0.06 27.39
C ALA C 47 -9.29 1.30 27.25
N SER C 48 -10.47 1.33 26.62
CA SER C 48 -11.17 2.61 26.45
C SER C 48 -11.62 3.18 27.79
N ARG C 49 -12.27 2.35 28.61
CA ARG C 49 -12.75 2.79 29.91
C ARG C 49 -11.59 3.20 30.81
N LEU C 50 -10.45 2.50 30.70
CA LEU C 50 -9.24 2.92 31.39
C LEU C 50 -8.74 4.26 30.88
N ALA C 51 -8.89 4.52 29.59
CA ALA C 51 -8.48 5.77 28.98
C ALA C 51 -9.43 6.93 29.28
N HIS C 52 -10.59 6.66 29.87
CA HIS C 52 -11.42 7.77 30.34
C HIS C 52 -10.88 8.41 31.59
N TYR C 53 -10.18 7.62 32.37
CA TYR C 53 -9.51 8.05 33.56
C TYR C 53 -8.13 8.61 33.27
N ASN C 54 -7.89 8.94 32.02
CA ASN C 54 -6.66 9.52 31.50
C ASN C 54 -7.08 10.84 30.86
N LYS C 55 -6.77 11.95 31.52
CA LYS C 55 -7.19 13.28 31.08
C LYS C 55 -7.20 13.54 29.60
N ARG C 56 -6.20 13.04 28.92
CA ARG C 56 -6.12 13.26 27.47
C ARG C 56 -6.50 12.02 26.65
N SER C 57 -7.18 11.05 27.26
CA SER C 57 -7.68 9.85 26.59
C SER C 57 -6.56 9.03 25.93
N THR C 58 -5.36 9.07 26.53
CA THR C 58 -4.20 8.41 25.93
C THR C 58 -4.20 6.92 26.27
N ILE C 59 -3.82 6.11 25.29
CA ILE C 59 -3.73 4.66 25.45
C ILE C 59 -2.34 4.22 25.05
N SER C 60 -1.65 3.54 25.97
CA SER C 60 -0.32 2.99 25.72
C SER C 60 -0.31 1.56 26.24
N SER C 61 0.89 0.97 26.30
CA SER C 61 1.00 -0.44 26.66
C SER C 61 0.52 -0.72 28.08
N ARG C 62 0.38 0.32 28.91
CA ARG C 62 -0.10 0.10 30.28
C ARG C 62 -1.59 -0.22 30.32
N GLU C 63 -2.40 0.54 29.57
CA GLU C 63 -3.83 0.26 29.55
C GLU C 63 -4.09 -1.17 29.08
N ILE C 64 -3.29 -1.66 28.14
CA ILE C 64 -3.42 -3.03 27.66
C ILE C 64 -2.86 -4.03 28.66
N GLN C 65 -1.69 -3.75 29.25
CA GLN C 65 -1.12 -4.64 30.26
C GLN C 65 -2.03 -4.79 31.46
N THR C 66 -2.89 -3.82 31.70
CA THR C 66 -3.87 -3.88 32.77
C THR C 66 -5.16 -4.56 32.31
N ALA C 67 -5.59 -4.30 31.07
CA ALA C 67 -6.75 -5.03 30.53
C ALA C 67 -6.47 -6.53 30.45
N VAL C 68 -5.21 -6.90 30.24
CA VAL C 68 -4.85 -8.32 30.17
C VAL C 68 -5.04 -8.99 31.53
N ARG C 69 -4.50 -8.37 32.58
CA ARG C 69 -4.63 -8.92 33.93
C ARG C 69 -6.10 -9.05 34.32
N LEU C 70 -6.92 -8.09 33.89
CA LEU C 70 -8.34 -8.11 34.20
C LEU C 70 -9.07 -9.29 33.56
N ILE C 71 -8.46 -9.93 32.57
CA ILE C 71 -9.19 -10.86 31.71
C ILE C 71 -8.53 -12.22 31.62
N LEU C 72 -7.20 -12.25 31.48
CA LEU C 72 -6.48 -13.51 31.27
C LEU C 72 -6.24 -14.22 32.60
N PRO C 73 -6.71 -15.44 32.78
CA PRO C 73 -6.67 -16.08 34.11
C PRO C 73 -5.25 -16.52 34.47
N GLY C 74 -4.82 -16.12 35.66
CA GLY C 74 -3.61 -16.65 36.26
C GLY C 74 -2.38 -16.71 35.38
N GLU C 75 -1.96 -17.93 35.04
CA GLU C 75 -0.70 -18.14 34.34
C GLU C 75 -0.74 -17.59 32.91
N LEU C 76 -1.91 -17.63 32.28
CA LEU C 76 -2.06 -17.06 30.94
C LEU C 76 -1.67 -15.58 30.93
N ALA C 77 -2.14 -14.84 31.93
CA ALA C 77 -1.80 -13.42 32.02
C ALA C 77 -0.31 -13.21 32.20
N LYS C 78 0.33 -14.00 33.07
CA LYS C 78 1.77 -13.85 33.28
C LYS C 78 2.52 -14.01 31.96
N HIS C 79 2.17 -15.06 31.21
CA HIS C 79 2.89 -15.30 29.96
C HIS C 79 2.55 -14.28 28.89
N ALA C 80 1.28 -13.84 28.82
CA ALA C 80 0.89 -12.84 27.85
C ALA C 80 1.60 -11.51 28.12
N VAL C 81 1.66 -11.11 29.38
CA VAL C 81 2.32 -9.87 29.76
C VAL C 81 3.80 -9.95 29.45
N SER C 82 4.43 -11.10 29.74
CA SER C 82 5.83 -11.28 29.40
C SER C 82 6.07 -11.13 27.90
N GLU C 83 5.23 -11.78 27.09
CA GLU C 83 5.38 -11.71 25.64
C GLU C 83 5.16 -10.28 25.13
N GLY C 84 4.16 -9.59 25.68
CA GLY C 84 3.89 -8.23 25.25
C GLY C 84 5.04 -7.28 25.55
N THR C 85 5.64 -7.40 26.73
CA THR C 85 6.79 -6.55 27.03
C THR C 85 7.98 -6.90 26.17
N LYS C 86 8.25 -8.20 25.95
CA LYS C 86 9.37 -8.57 25.09
C LYS C 86 9.18 -8.01 23.68
N ALA C 87 7.94 -7.96 23.20
CA ALA C 87 7.65 -7.41 21.88
C ALA C 87 7.78 -5.89 21.85
N VAL C 88 7.27 -5.18 22.86
CA VAL C 88 7.40 -3.72 22.88
C VAL C 88 8.87 -3.35 22.93
N THR C 89 9.67 -4.14 23.67
CA THR C 89 11.13 -3.98 23.65
C THR C 89 11.68 -4.15 22.24
N LYS C 90 11.31 -5.24 21.55
CA LYS C 90 11.81 -5.47 20.20
C LYS C 90 11.41 -4.35 19.25
N TYR C 91 10.24 -3.75 19.46
CA TYR C 91 9.72 -2.73 18.56
C TYR C 91 10.44 -1.39 18.75
N THR C 92 10.43 -0.87 19.98
CA THR C 92 11.20 0.36 20.23
C THR C 92 12.70 0.12 20.09
N SER C 93 13.11 -1.11 19.80
CA SER C 93 14.41 -1.46 19.25
C SER C 93 15.53 -1.33 20.27
N VAL C 99 11.78 -2.62 7.18
CA VAL C 99 10.81 -3.70 7.35
C VAL C 99 9.59 -3.21 8.13
N SER C 100 8.59 -4.07 8.26
CA SER C 100 7.27 -3.69 8.73
C SER C 100 7.24 -3.54 10.26
N ARG C 101 6.13 -2.99 10.75
CA ARG C 101 5.95 -2.81 12.19
C ARG C 101 5.88 -4.16 12.90
N SER C 102 5.21 -5.15 12.27
CA SER C 102 5.08 -6.47 12.89
C SER C 102 6.40 -7.21 12.92
N ALA C 103 7.15 -7.18 11.82
CA ALA C 103 8.49 -7.78 11.82
C ALA C 103 9.38 -7.07 12.84
N ARG C 104 9.31 -5.74 12.90
CA ARG C 104 10.02 -4.98 13.93
C ARG C 104 9.71 -5.51 15.32
N ALA C 105 8.45 -5.85 15.59
CA ALA C 105 8.10 -6.43 16.88
C ALA C 105 8.34 -7.94 16.94
N GLY C 106 8.77 -8.57 15.84
CA GLY C 106 9.00 -10.00 15.83
C GLY C 106 7.73 -10.83 15.84
N LEU C 107 6.69 -10.38 15.14
CA LEU C 107 5.37 -10.97 15.25
C LEU C 107 4.83 -11.33 13.87
N GLN C 108 3.88 -12.27 13.86
CA GLN C 108 3.09 -12.62 12.68
C GLN C 108 1.78 -11.85 12.61
N PHE C 109 1.18 -11.58 13.76
CA PHE C 109 -0.07 -10.84 13.83
C PHE C 109 0.14 -9.40 13.37
N PRO C 110 -0.93 -8.72 12.93
CA PRO C 110 -0.77 -7.42 12.26
C PRO C 110 -0.74 -6.28 13.26
N VAL C 111 0.39 -5.55 13.30
CA VAL C 111 0.51 -4.44 14.23
C VAL C 111 -0.31 -3.24 13.76
N GLY C 112 -0.16 -2.85 12.49
CA GLY C 112 -0.83 -1.66 12.00
C GLY C 112 -2.34 -1.81 11.90
N ARG C 113 -2.81 -2.96 11.40
CA ARG C 113 -4.24 -3.22 11.35
C ARG C 113 -4.85 -3.10 12.75
N ILE C 114 -4.10 -3.54 13.77
CA ILE C 114 -4.59 -3.55 15.14
C ILE C 114 -4.49 -2.16 15.76
N HIS C 115 -3.46 -1.39 15.40
CA HIS C 115 -3.40 0.03 15.73
C HIS C 115 -4.68 0.74 15.28
N ARG C 116 -5.10 0.47 14.04
CA ARG C 116 -6.31 1.09 13.53
C ARG C 116 -7.55 0.55 14.23
N PHE C 117 -7.66 -0.78 14.38
CA PHE C 117 -8.77 -1.34 15.17
C PHE C 117 -8.77 -0.84 16.59
N LEU C 118 -7.69 -0.23 17.05
CA LEU C 118 -7.60 0.32 18.39
C LEU C 118 -8.08 1.76 18.45
N LYS C 119 -7.81 2.58 17.43
CA LYS C 119 -8.45 3.90 17.43
C LYS C 119 -9.97 3.77 17.31
N GLN C 120 -10.44 2.93 16.38
CA GLN C 120 -11.87 2.84 16.11
C GLN C 120 -12.66 2.20 17.24
N ARG C 121 -12.03 1.33 18.02
CA ARG C 121 -12.71 0.60 19.08
C ARG C 121 -12.45 1.20 20.46
N THR C 122 -11.80 2.38 20.47
CA THR C 122 -11.47 3.07 21.71
C THR C 122 -11.55 4.55 21.54
N THR C 123 -10.67 5.30 22.21
CA THR C 123 -10.69 6.77 22.18
C THR C 123 -10.65 7.40 20.81
N SER C 124 -10.87 8.71 20.76
CA SER C 124 -10.85 9.42 19.48
C SER C 124 -9.88 10.59 19.48
N SER C 125 -10.12 11.58 20.32
CA SER C 125 -9.27 12.77 20.30
C SER C 125 -7.89 12.47 20.86
N GLY C 126 -7.80 11.53 21.77
CA GLY C 126 -6.55 11.22 22.44
C GLY C 126 -5.53 10.61 21.50
N ARG C 127 -4.52 10.01 22.13
CA ARG C 127 -3.44 9.41 21.39
C ARG C 127 -3.19 7.97 21.76
N VAL C 128 -3.47 7.04 20.86
CA VAL C 128 -3.14 5.64 21.04
C VAL C 128 -1.77 5.43 20.45
N GLY C 129 -0.83 4.97 21.28
CA GLY C 129 0.54 4.79 20.85
C GLY C 129 0.79 3.46 20.15
N ALA C 130 1.88 3.42 19.37
CA ALA C 130 2.21 2.21 18.63
C ALA C 130 2.57 1.05 19.55
N THR C 131 3.11 1.35 20.73
CA THR C 131 3.43 0.29 21.69
C THR C 131 2.17 -0.44 22.14
N ALA C 132 1.02 0.25 22.16
CA ALA C 132 -0.23 -0.41 22.53
C ALA C 132 -0.64 -1.44 21.49
N ALA C 133 -0.53 -1.09 20.20
CA ALA C 133 -0.81 -2.06 19.15
C ALA C 133 0.17 -3.22 19.19
N VAL C 134 1.45 -2.93 19.41
CA VAL C 134 2.46 -3.99 19.51
C VAL C 134 2.09 -4.96 20.64
N TYR C 135 1.76 -4.42 21.81
CA TYR C 135 1.39 -5.23 22.96
C TYR C 135 0.15 -6.08 22.66
N SER C 136 -0.88 -5.47 22.08
CA SER C 136 -2.11 -6.21 21.78
C SER C 136 -1.85 -7.33 20.78
N ALA C 137 -1.05 -7.06 19.75
CA ALA C 137 -0.73 -8.07 18.76
C ALA C 137 -0.01 -9.25 19.40
N ALA C 138 0.93 -8.96 20.31
CA ALA C 138 1.63 -10.05 20.97
C ALA C 138 0.69 -10.85 21.87
N ILE C 139 -0.22 -10.18 22.57
CA ILE C 139 -1.18 -10.93 23.39
C ILE C 139 -1.97 -11.90 22.52
N LEU C 140 -2.57 -11.40 21.44
CA LEU C 140 -3.42 -12.22 20.61
C LEU C 140 -2.62 -13.36 19.97
N GLU C 141 -1.42 -13.06 19.48
CA GLU C 141 -0.56 -14.06 18.86
C GLU C 141 -0.19 -15.16 19.85
N TYR C 142 0.12 -14.79 21.10
CA TYR C 142 0.46 -15.79 22.10
C TYR C 142 -0.73 -16.72 22.38
N LEU C 143 -1.92 -16.13 22.54
CA LEU C 143 -3.10 -16.94 22.88
C LEU C 143 -3.44 -17.89 21.73
N THR C 144 -3.49 -17.35 20.50
CA THR C 144 -3.66 -18.16 19.30
C THR C 144 -2.65 -19.30 19.26
N ALA C 145 -1.38 -18.99 19.57
CA ALA C 145 -0.32 -19.97 19.49
C ALA C 145 -0.57 -21.13 20.46
N GLU C 146 -0.89 -20.81 21.71
CA GLU C 146 -1.14 -21.86 22.69
C GLU C 146 -2.27 -22.77 22.23
N VAL C 147 -3.40 -22.16 21.83
CA VAL C 147 -4.53 -22.98 21.42
C VAL C 147 -4.15 -23.87 20.24
N LEU C 148 -3.43 -23.32 19.26
CA LEU C 148 -3.11 -24.09 18.06
C LEU C 148 -2.16 -25.26 18.35
N GLU C 149 -1.20 -25.07 19.23
CA GLU C 149 -0.33 -26.17 19.59
C GLU C 149 -1.08 -27.25 20.32
N LEU C 150 -1.90 -26.85 21.27
CA LEU C 150 -2.60 -27.85 22.06
C LEU C 150 -3.51 -28.70 21.18
N ALA C 151 -4.27 -28.06 20.29
CA ALA C 151 -5.11 -28.80 19.36
C ALA C 151 -4.28 -29.57 18.32
N GLY C 152 -3.11 -29.08 17.93
CA GLY C 152 -2.30 -29.76 16.93
C GLY C 152 -1.60 -31.00 17.46
N ASN C 153 -1.05 -30.88 18.66
CA ASN C 153 -0.64 -32.03 19.44
C ASN C 153 -1.78 -33.03 19.55
N ALA C 154 -2.99 -32.56 19.86
CA ALA C 154 -4.13 -33.47 19.97
C ALA C 154 -4.45 -34.15 18.64
N SER C 155 -4.44 -33.39 17.54
CA SER C 155 -4.76 -33.99 16.24
C SER C 155 -3.70 -34.98 15.80
N LYS C 156 -2.44 -34.73 16.18
CA LYS C 156 -1.37 -35.69 15.97
C LYS C 156 -1.54 -36.91 16.88
N ASP C 157 -2.12 -36.71 18.07
CA ASP C 157 -2.43 -37.81 18.98
C ASP C 157 -3.43 -38.78 18.37
N LEU C 158 -4.30 -38.28 17.50
CA LEU C 158 -5.27 -39.10 16.79
C LEU C 158 -4.79 -39.52 15.40
N LYS C 159 -3.50 -39.33 15.10
CA LYS C 159 -2.88 -39.74 13.83
C LYS C 159 -3.48 -38.99 12.65
N VAL C 160 -3.87 -37.73 12.86
CA VAL C 160 -4.49 -36.89 11.85
C VAL C 160 -3.65 -35.63 11.69
N LYS C 161 -3.56 -35.13 10.45
CA LYS C 161 -2.78 -33.92 10.15
C LYS C 161 -3.66 -32.70 9.93
N ARG C 162 -4.78 -32.58 10.63
CA ARG C 162 -5.72 -31.49 10.37
C ARG C 162 -6.52 -31.18 11.62
N ILE C 163 -6.29 -30.00 12.20
CA ILE C 163 -7.07 -29.56 13.35
C ILE C 163 -8.51 -29.33 12.92
N THR C 164 -9.44 -29.94 13.67
CA THR C 164 -10.87 -29.78 13.44
C THR C 164 -11.47 -29.13 14.69
N PRO C 165 -12.75 -28.72 14.67
CA PRO C 165 -13.35 -28.19 15.91
C PRO C 165 -13.31 -29.18 17.06
N ARG C 166 -13.27 -30.49 16.79
CA ARG C 166 -13.19 -31.47 17.86
C ARG C 166 -11.87 -31.37 18.61
N HIS C 167 -10.75 -31.30 17.87
CA HIS C 167 -9.45 -31.11 18.52
C HIS C 167 -9.41 -29.79 19.29
N LEU C 168 -10.09 -28.77 18.78
CA LEU C 168 -10.16 -27.49 19.49
C LEU C 168 -10.87 -27.65 20.83
N HIS C 169 -12.03 -28.32 20.81
CA HIS C 169 -12.75 -28.61 22.05
C HIS C 169 -11.87 -29.35 23.05
N LEU C 170 -11.06 -30.30 22.54
CA LEU C 170 -10.22 -31.09 23.43
C LEU C 170 -9.09 -30.27 24.03
N ALA C 171 -8.43 -29.45 23.22
CA ALA C 171 -7.35 -28.62 23.72
C ALA C 171 -7.86 -27.58 24.72
N ILE C 172 -9.08 -27.10 24.53
CA ILE C 172 -9.64 -26.10 25.44
C ILE C 172 -10.07 -26.73 26.76
N ARG C 173 -10.69 -27.91 26.71
CA ARG C 173 -11.17 -28.52 27.95
C ARG C 173 -10.01 -29.01 28.82
N GLY C 174 -8.97 -29.57 28.21
CA GLY C 174 -7.83 -30.10 28.95
C GLY C 174 -6.83 -29.04 29.39
N ASP C 175 -7.32 -27.82 29.59
CA ASP C 175 -6.51 -26.72 30.13
C ASP C 175 -7.48 -25.78 30.83
N GLU C 176 -7.27 -25.56 32.13
CA GLU C 176 -8.29 -24.92 32.94
C GLU C 176 -8.45 -23.44 32.57
N GLU C 177 -7.35 -22.75 32.32
CA GLU C 177 -7.39 -21.32 32.11
C GLU C 177 -7.98 -20.94 30.75
N LEU C 178 -7.62 -21.70 29.70
CA LEU C 178 -8.26 -21.52 28.40
C LEU C 178 -9.76 -21.78 28.50
N ASP C 179 -10.14 -22.85 29.21
CA ASP C 179 -11.55 -23.18 29.42
C ASP C 179 -12.29 -22.01 30.04
N THR C 180 -11.75 -21.52 31.16
CA THR C 180 -12.34 -20.36 31.83
C THR C 180 -12.53 -19.22 30.85
N LEU C 181 -11.45 -18.84 30.16
CA LEU C 181 -11.51 -17.71 29.22
C LEU C 181 -12.65 -17.89 28.21
N ILE C 182 -12.72 -19.06 27.58
CA ILE C 182 -13.77 -19.28 26.58
C ILE C 182 -15.14 -19.08 27.20
N LYS C 183 -15.41 -19.75 28.32
CA LYS C 183 -16.71 -19.63 28.96
C LYS C 183 -17.04 -18.18 29.29
N ALA C 184 -16.08 -17.47 29.90
CA ALA C 184 -16.28 -16.09 30.30
C ALA C 184 -16.71 -15.21 29.13
N THR C 185 -16.17 -15.47 27.95
CA THR C 185 -16.53 -14.70 26.77
C THR C 185 -17.64 -15.38 25.98
#